data_8EIL
#
_entry.id   8EIL
#
_cell.length_a   213.344
_cell.length_b   213.344
_cell.length_c   213.344
_cell.angle_alpha   90.000
_cell.angle_beta   90.000
_cell.angle_gamma   90.000
#
_symmetry.space_group_name_H-M   'F 2 3'
#
loop_
_entity.id
_entity.type
_entity.pdbx_description
1 polymer 'Protease Lon-related BREX system protein BrxL'
2 non-polymer 'MALONIC ACID'
3 non-polymer 'SUCCINIC ACID'
4 water water
#
_entity_poly.entity_id   1
_entity_poly.type   'polypeptide(L)'
_entity_poly.pdbx_seq_one_letter_code
;GSHMKPGFLYTIGLSNKGMPGLYRLELQVTKGSGKLATSGLWNSSSAKEQVKIAFDYFKANASRISGGSKVMEHDFHLHV
VELQNTGPLSHLALPSLVAFASGLLGRSVQSQMVVLGDMSLGGSVTPVESIAECLQVAFDAGAKKVALPMSSAADIPTIP
VELFTKFQTSFYADPVDAVFKGLGVD
;
_entity_poly.pdbx_strand_id   A,B,C,D
#
loop_
_chem_comp.id
_chem_comp.type
_chem_comp.name
_chem_comp.formula
MLA non-polymer 'MALONIC ACID' 'C3 H4 O4'
SIN non-polymer 'SUCCINIC ACID' 'C4 H6 O4'
#
# COMPACT_ATOMS: atom_id res chain seq x y z
N HIS A 3 11.94 -6.59 -2.17
CA HIS A 3 11.82 -8.05 -2.16
C HIS A 3 12.43 -8.66 -3.42
N MET A 4 11.58 -9.24 -4.27
CA MET A 4 12.00 -9.83 -5.52
C MET A 4 11.69 -8.90 -6.69
N LYS A 5 12.30 -9.18 -7.83
CA LYS A 5 12.02 -8.40 -9.03
C LYS A 5 10.55 -8.60 -9.42
N PRO A 6 9.85 -7.53 -9.81
CA PRO A 6 8.46 -7.70 -10.27
C PRO A 6 8.37 -8.65 -11.44
N GLY A 7 7.29 -9.46 -11.45
CA GLY A 7 7.13 -10.52 -12.42
C GLY A 7 7.81 -11.82 -12.06
N PHE A 8 8.57 -11.85 -10.96
CA PHE A 8 9.22 -13.06 -10.47
C PHE A 8 8.43 -13.60 -9.29
N LEU A 9 8.20 -14.91 -9.27
CA LEU A 9 7.55 -15.50 -8.11
C LEU A 9 7.90 -16.97 -8.01
N TYR A 10 7.84 -17.49 -6.80
CA TYR A 10 8.02 -18.90 -6.56
C TYR A 10 6.66 -19.58 -6.48
N THR A 11 6.57 -20.77 -7.07
CA THR A 11 5.38 -21.58 -6.96
C THR A 11 5.80 -23.02 -6.69
N ILE A 12 4.90 -23.79 -6.11
CA ILE A 12 5.17 -25.19 -5.81
C ILE A 12 3.97 -26.00 -6.26
N GLY A 13 4.23 -27.08 -6.99
CA GLY A 13 3.13 -27.89 -7.47
C GLY A 13 3.60 -29.26 -7.88
N LEU A 14 2.63 -30.14 -8.09
CA LEU A 14 2.94 -31.48 -8.57
C LEU A 14 3.46 -31.40 -10.00
N SER A 15 4.56 -32.11 -10.25
CA SER A 15 5.11 -32.22 -11.59
C SER A 15 4.19 -33.07 -12.47
N ASN A 16 4.57 -33.21 -13.74
CA ASN A 16 3.83 -34.09 -14.64
C ASN A 16 3.90 -35.55 -14.19
N LYS A 17 4.90 -35.92 -13.39
CA LYS A 17 5.03 -37.26 -12.85
C LYS A 17 4.50 -37.39 -11.43
N GLY A 18 3.80 -36.37 -10.93
CA GLY A 18 3.22 -36.46 -9.60
C GLY A 18 4.15 -36.16 -8.45
N MET A 19 5.27 -35.49 -8.69
CA MET A 19 6.22 -35.16 -7.64
C MET A 19 6.15 -33.68 -7.33
N PRO A 20 6.05 -33.27 -6.06
CA PRO A 20 6.02 -31.84 -5.75
C PRO A 20 7.37 -31.21 -6.08
N GLY A 21 7.31 -30.05 -6.72
CA GLY A 21 8.52 -29.35 -7.10
C GLY A 21 8.35 -27.86 -6.96
N LEU A 22 9.50 -27.20 -6.77
CA LEU A 22 9.60 -25.76 -6.63
C LEU A 22 10.05 -25.17 -7.96
N TYR A 23 9.32 -24.17 -8.42
CA TYR A 23 9.59 -23.53 -9.70
C TYR A 23 9.61 -22.04 -9.50
N ARG A 24 10.39 -21.35 -10.33
CA ARG A 24 10.40 -19.89 -10.31
C ARG A 24 9.91 -19.39 -11.65
N LEU A 25 8.85 -18.58 -11.63
CA LEU A 25 8.40 -17.89 -12.83
C LEU A 25 9.13 -16.57 -12.91
N GLU A 26 9.72 -16.29 -14.07
CA GLU A 26 10.46 -15.06 -14.33
C GLU A 26 9.80 -14.44 -15.55
N LEU A 27 8.93 -13.47 -15.31
CA LEU A 27 8.24 -12.79 -16.39
C LEU A 27 8.92 -11.46 -16.69
N GLN A 28 9.30 -11.26 -17.94
CA GLN A 28 9.87 -9.99 -18.38
C GLN A 28 8.83 -9.23 -19.20
N VAL A 29 8.73 -7.93 -18.93
CA VAL A 29 7.82 -7.04 -19.64
C VAL A 29 8.65 -6.04 -20.42
N THR A 30 8.28 -5.81 -21.67
CA THR A 30 8.92 -4.83 -22.53
C THR A 30 7.85 -4.04 -23.26
N LYS A 31 8.28 -3.03 -24.01
CA LYS A 31 7.35 -2.30 -24.85
C LYS A 31 6.98 -3.14 -26.06
N GLY A 32 5.67 -3.29 -26.32
CA GLY A 32 5.24 -4.14 -27.40
C GLY A 32 3.77 -4.03 -27.76
N SER A 33 3.20 -5.12 -28.27
CA SER A 33 1.85 -5.11 -28.81
C SER A 33 0.90 -6.07 -28.10
N GLY A 34 1.37 -6.81 -27.10
CA GLY A 34 0.52 -7.76 -26.41
C GLY A 34 0.87 -9.19 -26.76
N LYS A 35 2.14 -9.43 -27.06
CA LYS A 35 2.61 -10.75 -27.47
C LYS A 35 3.14 -11.52 -26.26
N LEU A 36 2.77 -12.79 -26.17
CA LEU A 36 3.23 -13.67 -25.11
C LEU A 36 4.21 -14.66 -25.70
N ALA A 37 5.45 -14.62 -25.22
CA ALA A 37 6.47 -15.61 -25.53
C ALA A 37 6.83 -16.36 -24.26
N THR A 38 7.25 -17.61 -24.43
CA THR A 38 7.45 -18.48 -23.30
C THR A 38 8.74 -19.26 -23.47
N SER A 39 9.29 -19.72 -22.34
CA SER A 39 10.50 -20.51 -22.37
C SER A 39 10.57 -21.35 -21.10
N GLY A 40 11.27 -22.47 -21.19
CA GLY A 40 11.31 -23.43 -20.11
C GLY A 40 10.09 -24.31 -19.99
N LEU A 41 9.22 -24.33 -20.99
CA LEU A 41 7.99 -25.11 -20.94
C LEU A 41 8.17 -26.57 -21.41
N TRP A 42 9.39 -27.08 -21.41
CA TRP A 42 9.68 -28.52 -21.55
C TRP A 42 9.05 -29.15 -22.80
N ASN A 43 8.83 -28.36 -23.85
CA ASN A 43 8.19 -28.85 -25.08
C ASN A 43 6.82 -29.49 -24.80
N SER A 44 6.12 -28.99 -23.79
CA SER A 44 4.84 -29.58 -23.37
C SER A 44 3.70 -28.72 -23.87
N SER A 45 2.81 -29.31 -24.68
CA SER A 45 1.62 -28.59 -25.13
C SER A 45 0.70 -28.27 -23.95
N SER A 46 0.71 -29.11 -22.92
CA SER A 46 -0.13 -28.87 -21.74
C SER A 46 0.32 -27.63 -20.99
N ALA A 47 1.63 -27.48 -20.76
CA ALA A 47 2.14 -26.30 -20.07
C ALA A 47 1.85 -25.04 -20.87
N LYS A 48 2.06 -25.10 -22.19
CA LYS A 48 1.77 -23.94 -23.04
C LYS A 48 0.30 -23.57 -22.96
N GLU A 49 -0.60 -24.56 -22.99
CA GLU A 49 -2.02 -24.27 -22.91
C GLU A 49 -2.39 -23.67 -21.56
N GLN A 50 -1.76 -24.14 -20.48
CA GLN A 50 -2.03 -23.57 -19.16
C GLN A 50 -1.59 -22.11 -19.09
N VAL A 51 -0.37 -21.82 -19.55
CA VAL A 51 0.12 -20.44 -19.57
C VAL A 51 -0.78 -19.59 -20.46
N LYS A 52 -1.31 -20.17 -21.54
CA LYS A 52 -2.20 -19.42 -22.43
C LYS A 52 -3.53 -19.11 -21.74
N ILE A 53 -4.09 -20.07 -21.02
CA ILE A 53 -5.32 -19.81 -20.25
C ILE A 53 -5.07 -18.68 -19.27
N ALA A 54 -3.91 -18.71 -18.61
CA ALA A 54 -3.58 -17.64 -17.67
C ALA A 54 -3.51 -16.29 -18.37
N PHE A 55 -2.83 -16.23 -19.52
CA PHE A 55 -2.69 -14.98 -20.26
C PHE A 55 -4.03 -14.47 -20.78
N ASP A 56 -4.91 -15.39 -21.18
CA ASP A 56 -6.23 -14.99 -21.64
C ASP A 56 -7.05 -14.39 -20.50
N TYR A 57 -7.05 -15.06 -19.34
CA TYR A 57 -7.70 -14.47 -18.16
C TYR A 57 -7.10 -13.11 -17.83
N PHE A 58 -5.77 -12.98 -17.92
CA PHE A 58 -5.09 -11.72 -17.71
C PHE A 58 -5.66 -10.63 -18.61
N LYS A 59 -5.72 -10.89 -19.92
CA LYS A 59 -6.26 -9.91 -20.86
C LYS A 59 -7.71 -9.57 -20.53
N ALA A 60 -8.50 -10.58 -20.14
CA ALA A 60 -9.93 -10.34 -19.94
C ALA A 60 -10.23 -9.60 -18.64
N ASN A 61 -9.37 -9.70 -17.62
CA ASN A 61 -9.64 -9.09 -16.32
C ASN A 61 -8.58 -8.09 -15.90
N ALA A 62 -7.73 -7.62 -16.82
CA ALA A 62 -6.67 -6.68 -16.44
C ALA A 62 -7.22 -5.35 -15.98
N SER A 63 -8.45 -5.01 -16.38
CA SER A 63 -9.07 -3.77 -15.92
C SER A 63 -9.31 -3.80 -14.41
N ARG A 64 -9.72 -4.96 -13.87
CA ARG A 64 -9.96 -5.09 -12.43
C ARG A 64 -8.69 -4.99 -11.59
N ILE A 65 -7.52 -4.94 -12.19
CA ILE A 65 -6.28 -4.90 -11.43
C ILE A 65 -5.68 -3.50 -11.52
N SER A 69 -3.85 0.89 -17.21
CA SER A 69 -3.14 -0.37 -17.41
C SER A 69 -3.70 -1.14 -18.59
N LYS A 70 -2.83 -1.52 -19.52
CA LYS A 70 -3.24 -2.29 -20.70
C LYS A 70 -2.11 -3.21 -21.13
N VAL A 71 -2.44 -4.50 -21.33
CA VAL A 71 -1.44 -5.46 -21.75
C VAL A 71 -1.07 -5.30 -23.22
N MET A 72 -1.97 -4.71 -24.01
CA MET A 72 -1.73 -4.55 -25.44
C MET A 72 -0.63 -3.55 -25.77
N GLU A 73 -0.11 -2.83 -24.77
CA GLU A 73 0.99 -1.90 -24.99
C GLU A 73 2.34 -2.49 -24.59
N HIS A 74 2.36 -3.73 -24.10
CA HIS A 74 3.59 -4.38 -23.66
C HIS A 74 3.67 -5.78 -24.22
N ASP A 75 4.89 -6.31 -24.25
CA ASP A 75 5.19 -7.67 -24.64
C ASP A 75 5.70 -8.40 -23.41
N PHE A 76 5.36 -9.68 -23.31
CA PHE A 76 5.63 -10.49 -22.13
C PHE A 76 6.40 -11.74 -22.53
N HIS A 77 7.45 -12.05 -21.78
CA HIS A 77 8.19 -13.29 -21.95
C HIS A 77 8.27 -13.99 -20.60
N LEU A 78 7.61 -15.13 -20.49
CA LEU A 78 7.56 -15.90 -19.26
C LEU A 78 8.57 -17.04 -19.37
N HIS A 79 9.66 -16.95 -18.63
CA HIS A 79 10.56 -18.06 -18.47
C HIS A 79 10.18 -18.82 -17.20
N VAL A 80 10.34 -20.13 -17.25
CA VAL A 80 10.02 -20.98 -16.10
C VAL A 80 11.29 -21.75 -15.74
N VAL A 81 11.76 -21.55 -14.50
CA VAL A 81 12.96 -22.19 -14.00
C VAL A 81 12.55 -23.37 -13.14
N GLU A 82 13.02 -24.55 -13.51
CA GLU A 82 12.76 -25.78 -12.80
C GLU A 82 13.91 -25.99 -11.81
N LEU A 83 13.62 -25.76 -10.53
CA LEU A 83 14.67 -25.61 -9.52
C LEU A 83 15.07 -26.92 -8.86
N GLN A 84 14.28 -27.99 -9.00
CA GLN A 84 14.52 -29.22 -8.26
C GLN A 84 14.48 -30.45 -9.15
N ASN A 85 14.54 -30.26 -10.48
CA ASN A 85 14.58 -31.36 -11.44
C ASN A 85 13.40 -32.31 -11.27
N THR A 86 12.20 -31.74 -11.27
CA THR A 86 10.98 -32.53 -11.12
C THR A 86 10.23 -32.71 -12.44
N GLY A 87 10.62 -32.00 -13.48
CA GLY A 87 9.94 -32.10 -14.75
C GLY A 87 8.98 -30.96 -14.93
N PRO A 88 8.13 -31.03 -15.96
CA PRO A 88 7.16 -29.96 -16.19
C PRO A 88 6.19 -29.83 -15.03
N LEU A 89 5.85 -28.58 -14.72
CA LEU A 89 4.86 -28.28 -13.69
C LEU A 89 3.46 -28.41 -14.27
N SER A 90 2.61 -29.17 -13.60
CA SER A 90 1.25 -29.42 -14.07
C SER A 90 0.25 -28.39 -13.56
N HIS A 91 0.69 -27.40 -12.78
CA HIS A 91 -0.20 -26.39 -12.20
C HIS A 91 0.45 -25.03 -12.44
N LEU A 92 0.19 -24.45 -13.61
CA LEU A 92 0.87 -23.24 -14.05
C LEU A 92 -0.06 -22.07 -14.28
N ALA A 93 -1.36 -22.30 -14.45
CA ALA A 93 -2.27 -21.22 -14.83
C ALA A 93 -2.30 -20.12 -13.78
N LEU A 94 -2.61 -20.47 -12.53
CA LEU A 94 -2.74 -19.44 -11.51
C LEU A 94 -1.41 -18.78 -11.17
N PRO A 95 -0.30 -19.50 -10.96
CA PRO A 95 1.00 -18.81 -10.78
C PRO A 95 1.36 -17.91 -11.96
N SER A 96 1.07 -18.34 -13.19
CA SER A 96 1.36 -17.49 -14.34
C SER A 96 0.52 -16.23 -14.33
N LEU A 97 -0.77 -16.33 -13.97
CA LEU A 97 -1.59 -15.13 -13.87
C LEU A 97 -1.02 -14.18 -12.83
N VAL A 98 -0.63 -14.70 -11.68
CA VAL A 98 -0.04 -13.85 -10.65
C VAL A 98 1.22 -13.18 -11.16
N ALA A 99 2.07 -13.93 -11.88
CA ALA A 99 3.31 -13.37 -12.41
C ALA A 99 3.03 -12.31 -13.47
N PHE A 100 2.03 -12.54 -14.32
CA PHE A 100 1.64 -11.55 -15.32
C PHE A 100 1.22 -10.25 -14.65
N ALA A 101 0.32 -10.33 -13.67
CA ALA A 101 -0.15 -9.12 -13.02
C ALA A 101 0.97 -8.42 -12.25
N SER A 102 1.85 -9.20 -11.59
CA SER A 102 2.98 -8.59 -10.91
C SER A 102 3.89 -7.87 -11.89
N GLY A 103 4.15 -8.48 -13.05
CA GLY A 103 4.97 -7.83 -14.06
C GLY A 103 4.37 -6.53 -14.56
N LEU A 104 3.07 -6.54 -14.86
CA LEU A 104 2.42 -5.33 -15.35
C LEU A 104 2.52 -4.21 -14.32
N LEU A 105 1.91 -4.41 -13.16
CA LEU A 105 1.81 -3.35 -12.15
C LEU A 105 3.16 -2.98 -11.54
N GLY A 106 4.24 -3.67 -11.90
CA GLY A 106 5.53 -3.37 -11.31
C GLY A 106 5.58 -3.56 -9.81
N ARG A 107 4.67 -4.35 -9.25
CA ARG A 107 4.64 -4.64 -7.83
C ARG A 107 5.27 -6.00 -7.57
N SER A 108 6.08 -6.08 -6.52
CA SER A 108 6.77 -7.31 -6.20
C SER A 108 5.89 -8.24 -5.39
N VAL A 109 6.03 -9.55 -5.65
CA VAL A 109 5.34 -10.54 -4.85
C VAL A 109 5.94 -10.54 -3.44
N GLN A 110 5.10 -10.83 -2.44
CA GLN A 110 5.54 -10.83 -1.06
C GLN A 110 6.84 -11.63 -0.90
N SER A 111 7.72 -11.14 -0.02
CA SER A 111 9.01 -11.77 0.16
C SER A 111 8.85 -13.10 0.88
N GLN A 112 9.55 -14.13 0.39
CA GLN A 112 9.56 -15.47 0.99
C GLN A 112 8.20 -16.15 0.91
N MET A 113 7.38 -15.77 -0.07
CA MET A 113 6.06 -16.36 -0.26
C MET A 113 6.09 -17.34 -1.43
N VAL A 114 5.37 -18.45 -1.27
CA VAL A 114 5.12 -19.39 -2.35
C VAL A 114 3.65 -19.34 -2.68
N VAL A 115 3.32 -19.23 -3.96
CA VAL A 115 1.94 -19.26 -4.42
C VAL A 115 1.61 -20.69 -4.83
N LEU A 116 0.52 -21.23 -4.29
CA LEU A 116 0.09 -22.58 -4.58
C LEU A 116 -1.35 -22.57 -5.06
N GLY A 117 -1.72 -23.63 -5.76
CA GLY A 117 -3.05 -23.77 -6.32
C GLY A 117 -3.03 -23.64 -7.83
N ASP A 118 -4.21 -23.69 -8.42
CA ASP A 118 -4.34 -23.59 -9.87
C ASP A 118 -5.68 -22.98 -10.22
N MET A 119 -5.90 -22.80 -11.52
CA MET A 119 -7.08 -22.14 -12.05
C MET A 119 -7.63 -22.95 -13.22
N SER A 120 -8.95 -23.10 -13.25
CA SER A 120 -9.61 -23.79 -14.35
C SER A 120 -9.84 -22.82 -15.51
N LEU A 121 -10.18 -23.38 -16.67
CA LEU A 121 -10.49 -22.54 -17.83
C LEU A 121 -11.64 -21.58 -17.51
N GLY A 122 -12.65 -22.07 -16.80
CA GLY A 122 -13.80 -21.26 -16.42
C GLY A 122 -13.52 -20.13 -15.46
N GLY A 123 -12.29 -20.01 -14.96
CA GLY A 123 -11.94 -18.93 -14.07
C GLY A 123 -12.16 -19.18 -12.60
N SER A 124 -12.29 -20.44 -12.19
CA SER A 124 -12.41 -20.80 -10.78
C SER A 124 -11.12 -21.41 -10.28
N VAL A 125 -10.79 -21.14 -9.03
CA VAL A 125 -9.55 -21.65 -8.45
C VAL A 125 -9.79 -23.07 -7.95
N THR A 126 -8.75 -23.89 -8.03
CA THR A 126 -8.83 -25.29 -7.64
C THR A 126 -7.88 -25.57 -6.49
N PRO A 127 -8.26 -26.47 -5.59
CA PRO A 127 -7.42 -26.69 -4.40
C PRO A 127 -6.05 -27.24 -4.78
N VAL A 128 -5.06 -26.96 -3.94
CA VAL A 128 -3.71 -27.48 -4.15
C VAL A 128 -3.75 -28.99 -4.18
N GLU A 129 -3.14 -29.59 -5.21
CA GLU A 129 -3.03 -31.04 -5.28
C GLU A 129 -1.88 -31.50 -4.40
N SER A 130 -2.16 -32.44 -3.50
CA SER A 130 -1.18 -32.95 -2.54
C SER A 130 -0.55 -31.81 -1.74
N ILE A 131 -1.40 -31.07 -1.02
CA ILE A 131 -0.94 -29.87 -0.34
C ILE A 131 0.06 -30.21 0.77
N ALA A 132 -0.08 -31.38 1.41
CA ALA A 132 0.86 -31.74 2.47
C ALA A 132 2.27 -31.90 1.91
N GLU A 133 2.41 -32.62 0.80
CA GLU A 133 3.72 -32.80 0.17
C GLU A 133 4.26 -31.48 -0.36
N CYS A 134 3.40 -30.68 -1.00
CA CYS A 134 3.83 -29.38 -1.51
C CYS A 134 4.34 -28.49 -0.38
N LEU A 135 3.64 -28.45 0.75
CA LEU A 135 4.07 -27.61 1.86
C LEU A 135 5.31 -28.16 2.53
N GLN A 136 5.50 -29.49 2.50
CA GLN A 136 6.77 -30.04 2.96
C GLN A 136 7.92 -29.52 2.10
N VAL A 137 7.73 -29.53 0.79
CA VAL A 137 8.75 -28.97 -0.10
C VAL A 137 8.95 -27.49 0.20
N ALA A 138 7.86 -26.76 0.43
CA ALA A 138 7.96 -25.32 0.71
C ALA A 138 8.75 -25.04 1.97
N PHE A 139 8.49 -25.81 3.03
CA PHE A 139 9.25 -25.62 4.25
C PHE A 139 10.71 -25.98 4.06
N ASP A 140 10.98 -27.08 3.36
CA ASP A 140 12.36 -27.48 3.11
C ASP A 140 13.09 -26.50 2.19
N ALA A 141 12.35 -25.67 1.46
CA ALA A 141 12.93 -24.66 0.58
C ALA A 141 13.00 -23.29 1.24
N GLY A 142 12.72 -23.19 2.54
CA GLY A 142 12.86 -21.95 3.27
C GLY A 142 11.72 -20.95 3.13
N ALA A 143 10.60 -21.35 2.54
CA ALA A 143 9.46 -20.45 2.43
C ALA A 143 8.89 -20.11 3.79
N LYS A 144 8.44 -18.87 3.96
CA LYS A 144 7.85 -18.40 5.20
C LYS A 144 6.37 -18.08 5.09
N LYS A 145 5.89 -17.72 3.91
CA LYS A 145 4.48 -17.43 3.68
C LYS A 145 3.97 -18.28 2.51
N VAL A 146 2.68 -18.63 2.57
CA VAL A 146 2.03 -19.33 1.48
C VAL A 146 0.69 -18.66 1.20
N ALA A 147 0.34 -18.57 -0.07
CA ALA A 147 -0.98 -18.14 -0.51
C ALA A 147 -1.71 -19.38 -1.03
N LEU A 148 -2.89 -19.65 -0.47
CA LEU A 148 -3.62 -20.87 -0.79
C LEU A 148 -5.03 -20.57 -1.29
N PRO A 149 -5.57 -21.40 -2.16
CA PRO A 149 -6.99 -21.29 -2.50
C PRO A 149 -7.84 -21.62 -1.28
N MET A 150 -9.00 -20.95 -1.21
CA MET A 150 -9.87 -21.09 -0.03
C MET A 150 -10.28 -22.55 0.19
N SER A 151 -10.59 -23.26 -0.89
CA SER A 151 -11.05 -24.65 -0.76
C SER A 151 -10.01 -25.52 -0.06
N SER A 152 -8.72 -25.24 -0.27
CA SER A 152 -7.66 -26.00 0.37
C SER A 152 -7.72 -25.94 1.89
N ALA A 153 -8.51 -25.01 2.47
CA ALA A 153 -8.69 -25.02 3.91
C ALA A 153 -9.24 -26.36 4.39
N ALA A 154 -10.09 -27.00 3.57
CA ALA A 154 -10.61 -28.33 3.93
C ALA A 154 -9.49 -29.36 4.07
N ASP A 155 -8.35 -29.13 3.45
CA ASP A 155 -7.20 -30.03 3.53
C ASP A 155 -6.24 -29.68 4.66
N ILE A 156 -6.53 -28.63 5.45
CA ILE A 156 -5.65 -28.30 6.59
C ILE A 156 -5.48 -29.49 7.53
N PRO A 157 -6.53 -30.24 7.89
CA PRO A 157 -6.31 -31.41 8.75
C PRO A 157 -5.46 -32.50 8.13
N THR A 158 -5.26 -32.53 6.81
CA THR A 158 -4.36 -33.53 6.23
C THR A 158 -2.90 -33.17 6.42
N ILE A 159 -2.58 -31.91 6.71
CA ILE A 159 -1.21 -31.45 6.86
C ILE A 159 -0.77 -31.66 8.31
N PRO A 160 0.39 -32.28 8.55
CA PRO A 160 0.92 -32.36 9.91
C PRO A 160 0.98 -30.96 10.54
N VAL A 161 0.49 -30.87 11.78
CA VAL A 161 0.32 -29.57 12.41
C VAL A 161 1.67 -28.86 12.57
N GLU A 162 2.73 -29.62 12.86
CA GLU A 162 4.07 -29.02 12.96
C GLU A 162 4.47 -28.36 11.66
N LEU A 163 4.05 -28.93 10.53
CA LEU A 163 4.42 -28.38 9.23
C LEU A 163 3.54 -27.19 8.88
N PHE A 164 2.22 -27.32 9.05
CA PHE A 164 1.31 -26.24 8.66
C PHE A 164 1.55 -25.00 9.52
N THR A 165 1.81 -25.17 10.80
CA THR A 165 1.98 -24.01 11.66
C THR A 165 3.33 -23.32 11.48
N LYS A 166 4.16 -23.81 10.56
CA LYS A 166 5.41 -23.11 10.23
C LYS A 166 5.18 -21.87 9.37
N PHE A 167 4.04 -21.77 8.69
CA PHE A 167 3.83 -20.76 7.67
C PHE A 167 2.93 -19.63 8.18
N GLN A 168 3.09 -18.46 7.58
CA GLN A 168 2.07 -17.42 7.61
C GLN A 168 1.21 -17.59 6.37
N THR A 169 -0.06 -17.94 6.56
CA THR A 169 -0.91 -18.43 5.48
C THR A 169 -2.01 -17.43 5.16
N SER A 170 -2.20 -17.16 3.87
CA SER A 170 -3.32 -16.37 3.39
C SER A 170 -4.12 -17.20 2.40
N PHE A 171 -5.38 -16.83 2.23
CA PHE A 171 -6.29 -17.57 1.37
C PHE A 171 -6.91 -16.64 0.34
N TYR A 172 -7.12 -17.14 -0.87
CA TYR A 172 -7.76 -16.39 -1.94
C TYR A 172 -8.95 -17.16 -2.49
N ALA A 173 -9.95 -16.40 -2.94
CA ALA A 173 -11.22 -16.97 -3.41
C ALA A 173 -11.33 -17.07 -4.93
N ASP A 174 -10.55 -16.29 -5.67
CA ASP A 174 -10.65 -16.28 -7.12
C ASP A 174 -9.33 -15.77 -7.69
N PRO A 175 -9.13 -15.88 -9.01
CA PRO A 175 -7.82 -15.50 -9.58
C PRO A 175 -7.40 -14.07 -9.28
N VAL A 176 -8.32 -13.10 -9.36
CA VAL A 176 -7.98 -11.73 -9.03
C VAL A 176 -7.61 -11.61 -7.56
N ASP A 177 -8.42 -12.22 -6.69
CA ASP A 177 -8.07 -12.29 -5.27
C ASP A 177 -6.72 -12.95 -5.07
N ALA A 178 -6.40 -13.95 -5.90
CA ALA A 178 -5.09 -14.59 -5.80
C ALA A 178 -3.99 -13.60 -6.12
N VAL A 179 -4.19 -12.78 -7.16
CA VAL A 179 -3.22 -11.73 -7.46
C VAL A 179 -3.02 -10.82 -6.27
N PHE A 180 -4.12 -10.35 -5.69
CA PHE A 180 -4.03 -9.38 -4.59
C PHE A 180 -3.35 -10.01 -3.36
N LYS A 181 -3.62 -11.29 -3.09
CA LYS A 181 -2.96 -11.97 -1.99
C LYS A 181 -1.47 -12.17 -2.26
N GLY A 182 -1.11 -12.49 -3.49
CA GLY A 182 0.30 -12.69 -3.81
C GLY A 182 1.11 -11.41 -3.76
N LEU A 183 0.50 -10.28 -4.12
CA LEU A 183 1.20 -9.02 -4.04
C LEU A 183 1.23 -8.46 -2.62
N GLY A 184 0.28 -8.85 -1.77
CA GLY A 184 0.28 -8.44 -0.38
C GLY A 184 -0.67 -7.33 0.00
N VAL A 185 -1.78 -7.17 -0.71
CA VAL A 185 -2.62 -5.98 -0.56
C VAL A 185 -4.06 -6.33 -0.20
N ASP A 186 -4.34 -7.60 0.09
CA ASP A 186 -5.72 -7.98 0.44
C ASP A 186 -5.77 -8.82 1.71
N HIS B 3 17.17 7.70 -4.29
CA HIS B 3 17.59 9.09 -4.43
C HIS B 3 16.38 10.03 -4.35
N MET B 4 16.09 10.72 -5.45
CA MET B 4 14.95 11.61 -5.55
C MET B 4 13.83 10.94 -6.32
N LYS B 5 12.62 11.48 -6.17
CA LYS B 5 11.51 10.96 -6.97
C LYS B 5 11.77 11.28 -8.44
N PRO B 6 11.54 10.34 -9.36
CA PRO B 6 11.70 10.66 -10.78
C PRO B 6 10.75 11.78 -11.19
N GLY B 7 11.25 12.66 -12.07
CA GLY B 7 10.53 13.84 -12.46
C GLY B 7 10.68 15.01 -11.51
N PHE B 8 11.36 14.84 -10.39
CA PHE B 8 11.62 15.90 -9.44
C PHE B 8 13.07 16.36 -9.61
N LEU B 9 13.28 17.67 -9.65
CA LEU B 9 14.65 18.17 -9.70
C LEU B 9 14.71 19.60 -9.18
N TYR B 10 15.88 19.98 -8.68
CA TYR B 10 16.14 21.35 -8.25
C TYR B 10 16.82 22.11 -9.39
N THR B 11 16.43 23.36 -9.55
CA THR B 11 17.08 24.26 -10.49
C THR B 11 17.26 25.61 -9.80
N ILE B 12 18.23 26.37 -10.29
CA ILE B 12 18.48 27.70 -9.76
C ILE B 12 18.66 28.65 -10.93
N GLY B 13 17.98 29.78 -10.87
CA GLY B 13 18.09 30.74 -11.95
C GLY B 13 17.59 32.09 -11.52
N LEU B 14 17.89 33.09 -12.35
CA LEU B 14 17.41 34.44 -12.11
C LEU B 14 15.89 34.48 -12.30
N SER B 15 15.20 35.10 -11.35
CA SER B 15 13.77 35.33 -11.53
C SER B 15 13.56 36.40 -12.61
N ASN B 16 12.29 36.66 -12.92
CA ASN B 16 12.00 37.74 -13.86
C ASN B 16 12.40 39.10 -13.30
N LYS B 17 12.60 39.21 -11.99
CA LYS B 17 13.06 40.43 -11.34
C LYS B 17 14.57 40.46 -11.13
N GLY B 18 15.30 39.51 -11.72
CA GLY B 18 16.75 39.51 -11.65
C GLY B 18 17.37 38.97 -10.38
N MET B 19 16.63 38.21 -9.58
CA MET B 19 17.18 37.66 -8.35
C MET B 19 17.37 36.17 -8.49
N PRO B 20 18.54 35.63 -8.13
CA PRO B 20 18.73 34.18 -8.20
C PRO B 20 17.84 33.48 -7.19
N GLY B 21 17.18 32.42 -7.63
CA GLY B 21 16.28 31.68 -6.76
C GLY B 21 16.36 30.20 -7.04
N LEU B 22 16.02 29.43 -6.00
CA LEU B 22 15.98 27.98 -6.04
C LEU B 22 14.54 27.52 -6.23
N TYR B 23 14.32 26.65 -7.21
CA TYR B 23 12.99 26.18 -7.53
C TYR B 23 13.05 24.66 -7.63
N ARG B 24 11.93 24.02 -7.34
CA ARG B 24 11.83 22.58 -7.50
C ARG B 24 10.77 22.28 -8.54
N LEU B 25 11.16 21.56 -9.58
CA LEU B 25 10.20 21.05 -10.55
C LEU B 25 9.72 19.69 -10.06
N GLU B 26 8.40 19.53 -10.02
CA GLU B 26 7.75 18.30 -9.59
C GLU B 26 6.87 17.87 -10.75
N LEU B 27 7.36 16.95 -11.58
CA LEU B 27 6.61 16.46 -12.72
C LEU B 27 6.00 15.12 -12.37
N GLN B 28 4.68 15.02 -12.54
CA GLN B 28 3.97 13.76 -12.36
C GLN B 28 3.58 13.20 -13.71
N VAL B 29 3.77 11.89 -13.88
CA VAL B 29 3.43 11.17 -15.08
C VAL B 29 2.30 10.21 -14.74
N THR B 30 1.27 10.17 -15.58
CA THR B 30 0.15 9.26 -15.42
C THR B 30 -0.18 8.65 -16.78
N LYS B 31 -1.12 7.70 -16.77
CA LYS B 31 -1.57 7.11 -18.03
C LYS B 31 -2.41 8.12 -18.79
N GLY B 32 -2.02 8.40 -20.03
CA GLY B 32 -2.70 9.42 -20.82
C GLY B 32 -2.44 9.37 -22.31
N SER B 33 -2.43 10.55 -22.95
CA SER B 33 -2.38 10.64 -24.40
C SER B 33 -1.37 11.69 -24.89
N GLY B 34 -0.48 12.15 -24.02
CA GLY B 34 0.48 13.17 -24.39
C GLY B 34 0.09 14.59 -24.04
N LYS B 35 -0.75 14.77 -23.03
CA LYS B 35 -1.22 16.10 -22.64
C LYS B 35 -0.30 16.69 -21.58
N LEU B 36 0.01 17.97 -21.74
CA LEU B 36 0.84 18.71 -20.80
C LEU B 36 -0.04 19.69 -20.03
N ALA B 37 -0.11 19.50 -18.71
CA ALA B 37 -0.76 20.45 -17.81
C ALA B 37 0.29 21.04 -16.88
N THR B 38 0.06 22.28 -16.45
CA THR B 38 1.04 23.02 -15.67
C THR B 38 0.35 23.75 -14.52
N SER B 39 1.14 24.04 -13.50
CA SER B 39 0.66 24.77 -12.33
C SER B 39 1.86 25.41 -11.65
N GLY B 40 1.60 26.49 -10.92
CA GLY B 40 2.65 27.25 -10.29
C GLY B 40 3.41 28.18 -11.22
N LEU B 41 2.90 28.41 -12.43
CA LEU B 41 3.57 29.25 -13.41
C LEU B 41 3.21 30.73 -13.27
N TRP B 42 2.74 31.15 -12.09
CA TRP B 42 2.61 32.57 -11.73
C TRP B 42 1.77 33.38 -12.71
N ASN B 43 0.86 32.74 -13.43
CA ASN B 43 0.05 33.40 -14.46
C ASN B 43 0.91 34.13 -15.49
N SER B 44 2.09 33.58 -15.78
CA SER B 44 3.04 34.23 -16.68
C SER B 44 3.00 33.52 -18.03
N SER B 45 2.66 34.26 -19.08
CA SER B 45 2.67 33.69 -20.42
C SER B 45 4.08 33.30 -20.85
N SER B 46 5.10 34.02 -20.36
CA SER B 46 6.48 33.69 -20.71
C SER B 46 6.90 32.34 -20.12
N ALA B 47 6.55 32.08 -18.86
CA ALA B 47 6.88 30.80 -18.25
C ALA B 47 6.16 29.65 -18.95
N LYS B 48 4.89 29.85 -19.28
CA LYS B 48 4.15 28.83 -20.01
C LYS B 48 4.78 28.56 -21.37
N GLU B 49 5.19 29.61 -22.09
CA GLU B 49 5.82 29.42 -23.38
C GLU B 49 7.16 28.69 -23.25
N GLN B 50 7.91 28.98 -22.18
CA GLN B 50 9.17 28.28 -21.94
C GLN B 50 8.94 26.79 -21.70
N VAL B 51 8.00 26.46 -20.81
CA VAL B 51 7.68 25.07 -20.56
C VAL B 51 7.18 24.39 -21.84
N LYS B 52 6.46 25.14 -22.69
CA LYS B 52 5.97 24.57 -23.94
C LYS B 52 7.12 24.29 -24.91
N ILE B 53 8.09 25.20 -24.99
CA ILE B 53 9.28 24.94 -25.82
C ILE B 53 9.98 23.69 -25.34
N ALA B 54 10.10 23.54 -24.01
CA ALA B 54 10.73 22.34 -23.46
C ALA B 54 9.96 21.09 -23.86
N PHE B 55 8.63 21.11 -23.71
CA PHE B 55 7.81 19.95 -24.05
C PHE B 55 7.86 19.63 -25.53
N ASP B 56 7.93 20.65 -26.39
CA ASP B 56 8.03 20.44 -27.82
C ASP B 56 9.35 19.77 -28.18
N TYR B 57 10.47 20.28 -27.65
CA TYR B 57 11.75 19.61 -27.84
C TYR B 57 11.70 18.18 -27.32
N PHE B 58 11.06 17.98 -26.16
CA PHE B 58 10.89 16.65 -25.59
C PHE B 58 10.21 15.71 -26.58
N LYS B 59 9.06 16.12 -27.12
CA LYS B 59 8.35 15.29 -28.09
C LYS B 59 9.21 15.04 -29.34
N ALA B 60 9.96 16.05 -29.78
CA ALA B 60 10.70 15.92 -31.03
C ALA B 60 11.94 15.04 -30.92
N ASN B 61 12.49 14.85 -29.72
CA ASN B 61 13.72 14.10 -29.53
C ASN B 61 13.54 12.90 -28.60
N ALA B 62 12.29 12.44 -28.41
CA ALA B 62 12.02 11.33 -27.51
C ALA B 62 12.67 10.02 -27.95
N SER B 63 13.00 9.88 -29.24
CA SER B 63 13.73 8.69 -29.67
C SER B 63 15.08 8.61 -28.98
N ARG B 64 15.75 9.75 -28.84
CA ARG B 64 16.99 9.85 -28.10
C ARG B 64 16.81 9.63 -26.60
N ILE B 65 15.57 9.39 -26.14
CA ILE B 65 15.20 9.28 -24.72
C ILE B 65 15.94 10.31 -23.87
N SER B 69 9.13 4.42 -24.75
CA SER B 69 9.68 5.51 -25.55
C SER B 69 8.57 6.32 -26.22
N LYS B 70 7.44 6.47 -25.53
CA LYS B 70 6.27 7.12 -26.08
C LYS B 70 5.71 8.11 -25.06
N VAL B 71 5.90 9.41 -25.32
CA VAL B 71 5.23 10.43 -24.52
C VAL B 71 3.74 10.46 -24.83
N MET B 72 3.39 10.19 -26.09
CA MET B 72 1.99 10.12 -26.49
C MET B 72 1.35 8.82 -25.99
N GLU B 73 1.53 8.53 -24.71
CA GLU B 73 0.91 7.38 -24.06
C GLU B 73 0.75 7.70 -22.57
N HIS B 74 1.32 8.82 -22.16
CA HIS B 74 1.24 9.30 -20.79
C HIS B 74 0.83 10.77 -20.78
N ASP B 75 0.32 11.20 -19.64
CA ASP B 75 -0.03 12.59 -19.38
C ASP B 75 0.95 13.14 -18.34
N PHE B 76 1.25 14.43 -18.47
CA PHE B 76 2.30 15.07 -17.68
C PHE B 76 1.73 16.29 -16.99
N HIS B 77 2.01 16.42 -15.69
CA HIS B 77 1.65 17.62 -14.95
C HIS B 77 2.91 18.14 -14.26
N LEU B 78 3.39 19.30 -14.69
CA LEU B 78 4.60 19.90 -14.13
C LEU B 78 4.18 20.99 -13.15
N HIS B 79 4.38 20.73 -11.87
CA HIS B 79 4.23 21.75 -10.84
C HIS B 79 5.60 22.37 -10.58
N VAL B 80 5.61 23.67 -10.28
CA VAL B 80 6.84 24.39 -9.99
C VAL B 80 6.70 24.99 -8.60
N VAL B 81 7.61 24.62 -7.71
CA VAL B 81 7.60 25.09 -6.33
C VAL B 81 8.64 26.20 -6.22
N GLU B 82 8.18 27.37 -5.80
CA GLU B 82 9.01 28.56 -5.61
C GLU B 82 9.48 28.54 -4.17
N LEU B 83 10.75 28.19 -3.96
CA LEU B 83 11.25 27.83 -2.65
C LEU B 83 11.79 29.00 -1.85
N GLN B 84 12.05 30.15 -2.49
CA GLN B 84 12.74 31.25 -1.82
C GLN B 84 12.04 32.60 -2.04
N ASN B 85 10.79 32.57 -2.53
CA ASN B 85 9.99 33.78 -2.75
C ASN B 85 10.72 34.79 -3.64
N THR B 86 11.15 34.31 -4.82
CA THR B 86 11.85 35.16 -5.77
C THR B 86 10.97 35.54 -6.96
N GLY B 87 9.79 34.94 -7.11
CA GLY B 87 8.94 35.25 -8.23
C GLY B 87 9.07 34.20 -9.31
N PRO B 88 8.48 34.47 -10.47
CA PRO B 88 8.59 33.52 -11.59
C PRO B 88 10.04 33.32 -12.01
N LEU B 89 10.37 32.07 -12.35
CA LEU B 89 11.69 31.74 -12.85
C LEU B 89 11.74 32.04 -14.35
N SER B 90 12.76 32.79 -14.76
CA SER B 90 12.91 33.19 -16.15
C SER B 90 13.71 32.19 -16.98
N HIS B 91 14.16 31.09 -16.38
CA HIS B 91 14.97 30.10 -17.08
C HIS B 91 14.40 28.72 -16.73
N LEU B 92 13.39 28.31 -17.50
CA LEU B 92 12.63 27.11 -17.21
C LEU B 92 12.70 26.06 -18.30
N ALA B 93 13.09 26.42 -19.52
CA ALA B 93 13.01 25.48 -20.63
C ALA B 93 13.89 24.25 -20.39
N LEU B 94 15.20 24.46 -20.13
CA LEU B 94 16.09 23.31 -19.97
C LEU B 94 15.79 22.51 -18.70
N PRO B 95 15.59 23.11 -17.53
CA PRO B 95 15.17 22.30 -16.36
C PRO B 95 13.89 21.52 -16.62
N SER B 96 12.93 22.12 -17.33
CA SER B 96 11.70 21.41 -17.63
C SER B 96 11.95 20.23 -18.55
N LEU B 97 12.82 20.39 -19.55
CA LEU B 97 13.16 19.26 -20.41
C LEU B 97 13.79 18.12 -19.59
N VAL B 98 14.72 18.47 -18.70
CA VAL B 98 15.34 17.44 -17.88
C VAL B 98 14.30 16.73 -17.02
N ALA B 99 13.36 17.51 -16.44
CA ALA B 99 12.32 16.92 -15.62
C ALA B 99 11.38 16.03 -16.42
N PHE B 100 11.04 16.45 -17.64
CA PHE B 100 10.22 15.64 -18.52
C PHE B 100 10.87 14.30 -18.81
N ALA B 101 12.14 14.34 -19.24
CA ALA B 101 12.82 13.09 -19.57
C ALA B 101 13.00 12.21 -18.34
N SER B 102 13.33 12.81 -17.19
CA SER B 102 13.45 12.03 -15.96
C SER B 102 12.12 11.37 -15.60
N GLY B 103 11.02 12.10 -15.73
CA GLY B 103 9.72 11.52 -15.46
C GLY B 103 9.40 10.36 -16.39
N LEU B 104 9.67 10.53 -17.68
CA LEU B 104 9.42 9.43 -18.62
C LEU B 104 10.25 8.21 -18.26
N LEU B 105 11.57 8.34 -18.29
CA LEU B 105 12.45 7.20 -18.11
C LEU B 105 12.41 6.62 -16.69
N GLY B 106 11.67 7.23 -15.77
CA GLY B 106 11.62 6.74 -14.41
C GLY B 106 12.95 6.77 -13.69
N ARG B 107 13.91 7.56 -14.17
CA ARG B 107 15.21 7.70 -13.52
C ARG B 107 15.26 9.00 -12.74
N SER B 108 15.85 8.93 -11.55
CA SER B 108 15.95 10.11 -10.69
C SER B 108 17.16 10.96 -11.07
N VAL B 109 17.00 12.28 -10.94
CA VAL B 109 18.13 13.18 -11.12
C VAL B 109 19.12 12.93 -10.00
N GLN B 110 20.41 13.12 -10.30
CA GLN B 110 21.47 12.89 -9.33
C GLN B 110 21.16 13.55 -8.00
N SER B 111 21.53 12.88 -6.92
CA SER B 111 21.24 13.37 -5.59
C SER B 111 22.09 14.60 -5.27
N GLN B 112 21.44 15.62 -4.70
CA GLN B 112 22.09 16.86 -4.27
C GLN B 112 22.61 17.67 -5.45
N MET B 113 22.04 17.48 -6.64
CA MET B 113 22.44 18.19 -7.84
C MET B 113 21.44 19.29 -8.15
N VAL B 114 21.94 20.43 -8.62
CA VAL B 114 21.13 21.51 -9.16
C VAL B 114 21.44 21.62 -10.65
N VAL B 115 20.40 21.68 -11.47
CA VAL B 115 20.57 21.88 -12.90
C VAL B 115 20.44 23.37 -13.20
N LEU B 116 21.44 23.92 -13.89
CA LEU B 116 21.45 25.34 -14.23
C LEU B 116 21.64 25.50 -15.73
N GLY B 117 21.23 26.66 -16.24
CA GLY B 117 21.32 26.98 -17.64
C GLY B 117 19.94 27.01 -18.28
N ASP B 118 19.93 27.24 -19.59
CA ASP B 118 18.67 27.30 -20.32
C ASP B 118 18.91 26.89 -21.77
N MET B 119 17.82 26.84 -22.53
CA MET B 119 17.86 26.44 -23.93
C MET B 119 16.95 27.35 -24.75
N SER B 120 17.42 27.72 -25.94
CA SER B 120 16.64 28.54 -26.85
C SER B 120 15.69 27.66 -27.67
N LEU B 121 14.76 28.32 -28.37
CA LEU B 121 13.83 27.60 -29.23
C LEU B 121 14.58 26.73 -30.25
N GLY B 122 15.68 27.26 -30.79
CA GLY B 122 16.47 26.54 -31.79
C GLY B 122 17.14 25.29 -31.26
N GLY B 123 17.06 25.01 -29.96
CA GLY B 123 17.63 23.80 -29.41
C GLY B 123 19.07 23.91 -28.98
N SER B 124 19.59 25.13 -28.80
CA SER B 124 20.95 25.33 -28.31
C SER B 124 20.89 25.79 -26.86
N VAL B 125 21.85 25.34 -26.07
CA VAL B 125 21.89 25.69 -24.66
C VAL B 125 22.58 27.04 -24.49
N THR B 126 22.16 27.78 -23.48
CA THR B 126 22.66 29.12 -23.22
C THR B 126 23.33 29.16 -21.85
N PRO B 127 24.39 29.94 -21.69
CA PRO B 127 25.12 29.93 -20.41
C PRO B 127 24.23 30.41 -19.27
N VAL B 128 24.54 29.94 -18.06
CA VAL B 128 23.82 30.38 -16.88
C VAL B 128 23.93 31.90 -16.76
N GLU B 129 22.79 32.55 -16.58
CA GLU B 129 22.77 34.00 -16.40
C GLU B 129 23.13 34.33 -14.96
N SER B 130 24.15 35.18 -14.78
CA SER B 130 24.66 35.55 -13.46
C SER B 130 25.02 34.31 -12.65
N ILE B 131 25.95 33.52 -13.19
CA ILE B 131 26.28 32.21 -12.62
C ILE B 131 26.89 32.34 -11.23
N ALA B 132 27.62 33.43 -10.96
CA ALA B 132 28.26 33.57 -9.65
C ALA B 132 27.24 33.63 -8.53
N GLU B 133 26.22 34.50 -8.65
CA GLU B 133 25.19 34.56 -7.63
C GLU B 133 24.35 33.29 -7.58
N CYS B 134 24.06 32.71 -8.74
CA CYS B 134 23.32 31.45 -8.76
C CYS B 134 24.05 30.36 -7.99
N LEU B 135 25.37 30.25 -8.17
CA LEU B 135 26.13 29.24 -7.44
C LEU B 135 26.28 29.60 -5.98
N GLN B 136 26.26 30.89 -5.64
CA GLN B 136 26.21 31.29 -4.24
C GLN B 136 24.92 30.79 -3.60
N VAL B 137 23.79 30.98 -4.29
CA VAL B 137 22.52 30.46 -3.80
C VAL B 137 22.58 28.94 -3.68
N ALA B 138 23.19 28.28 -4.68
CA ALA B 138 23.28 26.82 -4.65
C ALA B 138 24.08 26.33 -3.45
N PHE B 139 25.19 26.98 -3.15
CA PHE B 139 25.96 26.59 -1.97
C PHE B 139 25.18 26.85 -0.69
N ASP B 140 24.51 27.99 -0.60
CA ASP B 140 23.73 28.31 0.59
C ASP B 140 22.55 27.36 0.78
N ALA B 141 22.14 26.67 -0.28
CA ALA B 141 21.04 25.70 -0.22
C ALA B 141 21.53 24.27 -0.06
N GLY B 142 22.82 24.06 0.15
CA GLY B 142 23.35 22.74 0.41
C GLY B 142 23.59 21.87 -0.80
N ALA B 143 23.52 22.42 -2.01
CA ALA B 143 23.79 21.62 -3.21
C ALA B 143 25.25 21.17 -3.22
N LYS B 144 25.48 19.95 -3.69
CA LYS B 144 26.82 19.39 -3.80
C LYS B 144 27.30 19.21 -5.23
N LYS B 145 26.38 19.02 -6.17
CA LYS B 145 26.72 18.89 -7.58
C LYS B 145 25.94 19.93 -8.38
N VAL B 146 26.55 20.38 -9.48
CA VAL B 146 25.87 21.26 -10.42
C VAL B 146 26.14 20.75 -11.82
N ALA B 147 25.13 20.84 -12.67
CA ALA B 147 25.26 20.57 -14.10
C ALA B 147 25.20 21.90 -14.82
N LEU B 148 26.22 22.19 -15.63
CA LEU B 148 26.34 23.50 -16.26
C LEU B 148 26.44 23.38 -17.77
N PRO B 149 25.92 24.35 -18.51
CA PRO B 149 26.19 24.38 -19.95
C PRO B 149 27.67 24.62 -20.22
N MET B 150 28.16 24.03 -21.32
CA MET B 150 29.58 24.10 -21.63
C MET B 150 30.07 25.54 -21.75
N SER B 151 29.27 26.41 -22.37
CA SER B 151 29.67 27.81 -22.54
C SER B 151 29.95 28.48 -21.20
N SER B 152 29.19 28.12 -20.16
CA SER B 152 29.41 28.71 -18.84
C SER B 152 30.81 28.45 -18.30
N ALA B 153 31.57 27.52 -18.89
CA ALA B 153 32.97 27.35 -18.47
C ALA B 153 33.73 28.66 -18.62
N ALA B 154 33.41 29.46 -19.64
CA ALA B 154 34.04 30.76 -19.81
C ALA B 154 33.80 31.69 -18.63
N ASP B 155 32.74 31.45 -17.86
CA ASP B 155 32.41 32.25 -16.70
C ASP B 155 33.01 31.70 -15.42
N ILE B 156 33.75 30.59 -15.47
CA ILE B 156 34.37 30.04 -14.26
C ILE B 156 35.27 31.08 -13.59
N PRO B 157 36.07 31.85 -14.31
CA PRO B 157 36.87 32.89 -13.64
C PRO B 157 36.05 33.99 -12.96
N THR B 158 34.77 34.15 -13.29
CA THR B 158 33.96 35.15 -12.59
C THR B 158 33.51 34.68 -11.21
N ILE B 159 33.54 33.37 -10.95
CA ILE B 159 33.08 32.81 -9.69
C ILE B 159 34.23 32.79 -8.69
N PRO B 160 34.04 33.28 -7.46
CA PRO B 160 35.07 33.13 -6.43
C PRO B 160 35.51 31.69 -6.31
N VAL B 161 36.83 31.47 -6.29
CA VAL B 161 37.36 30.12 -6.34
C VAL B 161 36.90 29.31 -5.13
N GLU B 162 36.80 29.95 -3.97
CA GLU B 162 36.29 29.27 -2.79
C GLU B 162 34.89 28.72 -3.02
N LEU B 163 34.08 29.44 -3.78
CA LEU B 163 32.71 29.01 -4.03
C LEU B 163 32.64 27.95 -5.12
N PHE B 164 33.35 28.17 -6.23
CA PHE B 164 33.29 27.21 -7.34
C PHE B 164 33.87 25.87 -6.95
N THR B 165 34.95 25.86 -6.16
CA THR B 165 35.57 24.61 -5.80
C THR B 165 34.81 23.83 -4.73
N LYS B 166 33.66 24.35 -4.27
CA LYS B 166 32.80 23.60 -3.37
C LYS B 166 32.01 22.50 -4.07
N PHE B 167 31.86 22.58 -5.39
CA PHE B 167 30.94 21.73 -6.12
C PHE B 167 31.67 20.62 -6.89
N GLN B 168 30.94 19.54 -7.13
CA GLN B 168 31.30 18.58 -8.16
C GLN B 168 30.54 18.98 -9.42
N THR B 169 31.27 19.41 -10.45
CA THR B 169 30.68 20.10 -11.59
C THR B 169 30.78 19.25 -12.84
N SER B 170 29.67 19.14 -13.57
CA SER B 170 29.65 18.52 -14.88
C SER B 170 29.12 19.53 -15.90
N PHE B 171 29.47 19.30 -17.16
CA PHE B 171 29.09 20.20 -18.24
C PHE B 171 28.35 19.44 -19.32
N TYR B 172 27.37 20.10 -19.95
CA TYR B 172 26.60 19.53 -21.03
C TYR B 172 26.67 20.44 -22.26
N ALA B 173 26.61 19.83 -23.44
CA ALA B 173 26.77 20.56 -24.70
C ALA B 173 25.46 20.86 -25.41
N ASP B 174 24.40 20.11 -25.12
CA ASP B 174 23.12 20.30 -25.80
C ASP B 174 22.02 19.75 -24.89
N PRO B 175 20.74 20.01 -25.21
CA PRO B 175 19.66 19.61 -24.29
C PRO B 175 19.64 18.12 -23.95
N VAL B 176 19.87 17.24 -24.92
CA VAL B 176 19.91 15.81 -24.64
C VAL B 176 21.07 15.49 -23.71
N ASP B 177 22.24 16.04 -24.01
CA ASP B 177 23.39 15.91 -23.12
C ASP B 177 23.06 16.42 -21.73
N ALA B 178 22.26 17.48 -21.63
CA ALA B 178 21.86 17.99 -20.32
C ALA B 178 21.03 16.97 -19.57
N VAL B 179 20.10 16.31 -20.27
CA VAL B 179 19.33 15.23 -19.66
C VAL B 179 20.26 14.16 -19.09
N PHE B 180 21.21 13.72 -19.92
CA PHE B 180 22.08 12.63 -19.50
C PHE B 180 22.97 13.03 -18.33
N LYS B 181 23.45 14.27 -18.33
CA LYS B 181 24.26 14.75 -17.21
C LYS B 181 23.43 14.87 -15.94
N GLY B 182 22.17 15.30 -16.06
CA GLY B 182 21.32 15.42 -14.89
C GLY B 182 20.95 14.08 -14.29
N LEU B 183 20.79 13.06 -15.13
CA LEU B 183 20.48 11.72 -14.62
C LEU B 183 21.70 10.98 -14.10
N GLY B 184 22.89 11.38 -14.52
CA GLY B 184 24.12 10.75 -14.07
C GLY B 184 24.76 9.83 -15.08
N VAL B 185 24.49 10.01 -16.36
CA VAL B 185 25.07 9.19 -17.41
C VAL B 185 26.12 9.98 -18.18
N SER C 2 -1.20 -3.74 4.61
CA SER C 2 -1.67 -2.46 5.13
C SER C 2 -2.82 -1.92 4.29
N HIS C 3 -2.64 -1.90 2.97
CA HIS C 3 -3.63 -1.35 2.07
C HIS C 3 -4.68 -2.39 1.69
N MET C 4 -5.83 -1.90 1.21
CA MET C 4 -6.93 -2.73 0.76
C MET C 4 -6.96 -2.78 -0.76
N LYS C 5 -7.78 -3.70 -1.28
CA LYS C 5 -7.98 -3.78 -2.73
C LYS C 5 -8.58 -2.47 -3.24
N PRO C 6 -8.16 -2.01 -4.42
CA PRO C 6 -8.74 -0.79 -4.99
C PRO C 6 -10.26 -0.90 -5.10
N GLY C 7 -10.93 0.22 -4.85
CA GLY C 7 -12.38 0.24 -4.75
C GLY C 7 -12.94 -0.09 -3.37
N PHE C 8 -12.08 -0.45 -2.42
CA PHE C 8 -12.48 -0.74 -1.04
C PHE C 8 -12.14 0.44 -0.14
N LEU C 9 -13.08 0.81 0.74
CA LEU C 9 -12.79 1.88 1.68
C LEU C 9 -13.68 1.78 2.91
N TYR C 10 -13.17 2.31 4.02
CA TYR C 10 -13.93 2.41 5.26
C TYR C 10 -14.57 3.78 5.37
N THR C 11 -15.80 3.81 5.89
CA THR C 11 -16.49 5.05 6.17
C THR C 11 -17.18 4.94 7.53
N ILE C 12 -17.44 6.10 8.14
CA ILE C 12 -18.17 6.17 9.40
C ILE C 12 -19.19 7.29 9.29
N GLY C 13 -20.43 6.99 9.67
CA GLY C 13 -21.45 8.01 9.56
C GLY C 13 -22.64 7.67 10.43
N LEU C 14 -23.51 8.66 10.58
CA LEU C 14 -24.73 8.44 11.34
C LEU C 14 -25.64 7.45 10.62
N SER C 15 -26.17 6.49 11.37
CA SER C 15 -27.14 5.55 10.80
C SER C 15 -28.46 6.27 10.54
N ASN C 16 -29.41 5.53 9.95
CA ASN C 16 -30.75 6.08 9.78
C ASN C 16 -31.42 6.32 11.14
N LYS C 17 -30.95 5.64 12.18
CA LYS C 17 -31.46 5.82 13.53
C LYS C 17 -30.63 6.78 14.37
N GLY C 18 -29.70 7.51 13.74
CA GLY C 18 -28.93 8.51 14.45
C GLY C 18 -27.74 7.98 15.23
N MET C 19 -27.28 6.77 14.94
CA MET C 19 -26.13 6.21 15.63
C MET C 19 -24.93 6.16 14.70
N PRO C 20 -23.77 6.63 15.12
CA PRO C 20 -22.58 6.53 14.26
C PRO C 20 -22.13 5.09 14.11
N GLY C 21 -21.84 4.70 12.88
CA GLY C 21 -21.45 3.34 12.58
C GLY C 21 -20.37 3.29 11.52
N LEU C 22 -19.62 2.18 11.55
CA LEU C 22 -18.54 1.92 10.61
C LEU C 22 -19.02 0.95 9.53
N TYR C 23 -18.78 1.33 8.27
CA TYR C 23 -19.22 0.57 7.11
C TYR C 23 -18.06 0.45 6.13
N ARG C 24 -18.07 -0.60 5.32
CA ARG C 24 -17.06 -0.77 4.27
C ARG C 24 -17.70 -0.82 2.89
N LEU C 25 -17.26 0.06 2.01
CA LEU C 25 -17.66 0.01 0.61
C LEU C 25 -16.68 -0.85 -0.17
N GLU C 26 -17.23 -1.79 -0.95
CA GLU C 26 -16.45 -2.73 -1.75
C GLU C 26 -16.93 -2.64 -3.19
N LEU C 27 -16.20 -1.90 -4.03
CA LEU C 27 -16.55 -1.73 -5.43
C LEU C 27 -15.74 -2.68 -6.30
N GLN C 28 -16.43 -3.48 -7.11
CA GLN C 28 -15.80 -4.34 -8.10
C GLN C 28 -15.98 -3.73 -9.49
N VAL C 29 -14.92 -3.75 -10.28
CA VAL C 29 -14.93 -3.21 -11.63
C VAL C 29 -14.75 -4.34 -12.63
N THR C 30 -15.54 -4.31 -13.69
CA THR C 30 -15.43 -5.26 -14.80
C THR C 30 -15.57 -4.48 -16.10
N LYS C 31 -15.92 -5.17 -17.18
CA LYS C 31 -16.03 -4.54 -18.50
C LYS C 31 -17.10 -3.45 -18.53
N GLY C 34 -21.02 1.36 -19.11
CA GLY C 34 -21.16 2.12 -17.88
C GLY C 34 -22.37 1.74 -17.05
N LYS C 35 -22.41 0.50 -16.57
CA LYS C 35 -23.55 -0.03 -15.82
C LYS C 35 -23.21 -0.10 -14.33
N LEU C 36 -24.14 0.37 -13.50
CA LEU C 36 -24.00 0.35 -12.04
C LEU C 36 -24.99 -0.65 -11.46
N ALA C 37 -24.47 -1.66 -10.76
CA ALA C 37 -25.29 -2.54 -9.95
C ALA C 37 -24.88 -2.39 -8.49
N THR C 38 -25.82 -2.61 -7.58
CA THR C 38 -25.61 -2.35 -6.15
C THR C 38 -26.14 -3.49 -5.31
N SER C 39 -25.58 -3.64 -4.10
CA SER C 39 -26.00 -4.67 -3.16
C SER C 39 -25.60 -4.26 -1.75
N GLY C 40 -26.32 -4.80 -0.76
CA GLY C 40 -26.08 -4.48 0.62
C GLY C 40 -26.63 -3.15 1.09
N LEU C 41 -27.48 -2.49 0.29
CA LEU C 41 -28.03 -1.19 0.61
C LEU C 41 -29.29 -1.27 1.47
N TRP C 42 -29.48 -2.37 2.21
CA TRP C 42 -30.54 -2.51 3.22
C TRP C 42 -31.94 -2.29 2.64
N ASN C 43 -32.11 -2.59 1.34
CA ASN C 43 -33.38 -2.42 0.64
C ASN C 43 -33.92 -0.99 0.77
N SER C 44 -33.03 -0.01 0.83
CA SER C 44 -33.40 1.38 1.04
C SER C 44 -33.32 2.13 -0.28
N SER C 45 -34.44 2.70 -0.72
CA SER C 45 -34.44 3.53 -1.92
C SER C 45 -33.58 4.78 -1.74
N SER C 46 -33.47 5.28 -0.51
CA SER C 46 -32.64 6.45 -0.24
C SER C 46 -31.16 6.17 -0.50
N ALA C 47 -30.68 5.02 -0.03
CA ALA C 47 -29.29 4.63 -0.27
C ALA C 47 -29.04 4.45 -1.76
N LYS C 48 -30.00 3.84 -2.47
CA LYS C 48 -29.87 3.68 -3.92
C LYS C 48 -29.77 5.03 -4.62
N GLU C 49 -30.60 5.99 -4.20
CA GLU C 49 -30.54 7.33 -4.79
C GLU C 49 -29.22 8.01 -4.48
N GLN C 50 -28.68 7.80 -3.28
CA GLN C 50 -27.39 8.38 -2.94
C GLN C 50 -26.27 7.82 -3.82
N VAL C 51 -26.20 6.49 -3.93
CA VAL C 51 -25.20 5.85 -4.79
C VAL C 51 -25.39 6.27 -6.24
N LYS C 52 -26.64 6.50 -6.66
CA LYS C 52 -26.89 6.92 -8.02
C LYS C 52 -26.38 8.34 -8.26
N ILE C 53 -26.61 9.25 -7.31
CA ILE C 53 -26.07 10.60 -7.43
C ILE C 53 -24.55 10.56 -7.51
N ALA C 54 -23.93 9.71 -6.67
CA ALA C 54 -22.48 9.57 -6.69
C ALA C 54 -21.98 9.08 -8.05
N PHE C 55 -22.62 8.02 -8.57
CA PHE C 55 -22.20 7.45 -9.85
C PHE C 55 -22.43 8.44 -10.99
N ASP C 56 -23.51 9.22 -10.93
CA ASP C 56 -23.77 10.21 -11.96
C ASP C 56 -22.69 11.29 -11.96
N TYR C 57 -22.36 11.84 -10.78
CA TYR C 57 -21.26 12.78 -10.69
C TYR C 57 -19.96 12.14 -11.20
N PHE C 58 -19.73 10.88 -10.87
CA PHE C 58 -18.56 10.13 -11.34
C PHE C 58 -18.50 10.14 -12.87
N LYS C 59 -19.58 9.73 -13.52
CA LYS C 59 -19.61 9.71 -14.98
C LYS C 59 -19.43 11.10 -15.55
N ALA C 60 -20.04 12.11 -14.92
CA ALA C 60 -20.02 13.45 -15.49
C ALA C 60 -18.67 14.13 -15.35
N ASN C 61 -17.87 13.74 -14.34
CA ASN C 61 -16.59 14.39 -14.09
C ASN C 61 -15.41 13.42 -14.18
N ALA C 62 -15.61 12.24 -14.78
CA ALA C 62 -14.53 11.26 -14.87
C ALA C 62 -13.36 11.73 -15.70
N SER C 63 -13.56 12.69 -16.61
CA SER C 63 -12.43 13.25 -17.33
C SER C 63 -11.50 13.98 -16.36
N ARG C 64 -12.07 14.73 -15.41
CA ARG C 64 -11.30 15.36 -14.35
C ARG C 64 -10.75 14.35 -13.34
N ILE C 65 -11.09 13.08 -13.45
CA ILE C 65 -10.72 12.07 -12.47
C ILE C 65 -9.60 11.16 -12.98
N SER C 66 -9.77 10.60 -14.18
CA SER C 66 -8.80 9.66 -14.73
C SER C 66 -8.34 10.07 -16.11
N GLY C 67 -7.30 9.39 -16.58
CA GLY C 67 -6.74 9.60 -17.90
C GLY C 67 -7.01 8.49 -18.89
N GLY C 68 -7.87 7.52 -18.56
CA GLY C 68 -8.19 6.47 -19.50
C GLY C 68 -9.15 5.40 -19.01
N SER C 69 -10.46 5.67 -19.09
CA SER C 69 -11.53 4.70 -18.87
C SER C 69 -12.90 5.37 -18.89
N LYS C 70 -13.96 4.58 -18.69
CA LYS C 70 -15.33 5.08 -18.67
C LYS C 70 -16.29 4.07 -18.05
N HIS C 74 -17.12 0.68 -19.04
CA HIS C 74 -16.69 -0.09 -17.87
C HIS C 74 -17.90 -0.44 -16.99
N ASP C 75 -17.74 -1.47 -16.16
CA ASP C 75 -18.80 -1.88 -15.24
C ASP C 75 -18.39 -1.65 -13.80
N PHE C 76 -19.35 -1.25 -12.97
CA PHE C 76 -19.10 -0.91 -11.57
C PHE C 76 -20.14 -1.62 -10.71
N HIS C 77 -19.69 -2.33 -9.67
CA HIS C 77 -20.56 -2.95 -8.68
C HIS C 77 -20.10 -2.60 -7.27
N LEU C 78 -20.92 -1.82 -6.55
CA LEU C 78 -20.60 -1.35 -5.20
C LEU C 78 -21.35 -2.17 -4.16
N HIS C 79 -20.63 -3.02 -3.42
CA HIS C 79 -21.18 -3.70 -2.27
C HIS C 79 -20.89 -2.90 -0.99
N VAL C 80 -21.84 -2.95 -0.05
CA VAL C 80 -21.72 -2.23 1.21
C VAL C 80 -21.87 -3.21 2.37
N VAL C 81 -20.85 -3.27 3.24
CA VAL C 81 -20.81 -4.15 4.39
C VAL C 81 -21.07 -3.34 5.65
N GLU C 82 -22.06 -3.76 6.44
CA GLU C 82 -22.41 -3.12 7.70
C GLU C 82 -21.67 -3.85 8.84
N LEU C 83 -20.67 -3.17 9.41
CA LEU C 83 -19.72 -3.83 10.31
C LEU C 83 -20.11 -3.82 11.79
N GLN C 84 -21.08 -2.99 12.21
CA GLN C 84 -21.32 -2.81 13.64
C GLN C 84 -22.79 -2.93 14.04
N ASN C 85 -23.65 -3.45 13.17
CA ASN C 85 -25.07 -3.64 13.48
C ASN C 85 -25.71 -2.33 13.96
N THR C 86 -25.49 -1.27 13.17
CA THR C 86 -26.04 0.05 13.47
C THR C 86 -27.20 0.43 12.57
N GLY C 87 -27.48 -0.35 11.54
CA GLY C 87 -28.55 -0.05 10.62
C GLY C 87 -28.04 0.57 9.34
N PRO C 88 -28.96 1.03 8.48
CA PRO C 88 -28.54 1.65 7.23
C PRO C 88 -27.76 2.93 7.46
N LEU C 89 -26.72 3.13 6.65
CA LEU C 89 -25.95 4.37 6.68
C LEU C 89 -26.66 5.44 5.87
N SER C 90 -26.86 6.61 6.47
CA SER C 90 -27.58 7.71 5.85
C SER C 90 -26.69 8.67 5.07
N HIS C 91 -25.38 8.40 4.99
CA HIS C 91 -24.41 9.28 4.33
C HIS C 91 -23.50 8.43 3.45
N LEU C 92 -23.91 8.20 2.19
CA LEU C 92 -23.22 7.27 1.31
C LEU C 92 -22.71 7.85 0.00
N ALA C 93 -23.18 9.02 -0.43
CA ALA C 93 -22.83 9.53 -1.75
C ALA C 93 -21.33 9.74 -1.91
N LEU C 94 -20.72 10.51 -1.01
CA LEU C 94 -19.30 10.81 -1.16
C LEU C 94 -18.42 9.57 -1.01
N PRO C 95 -18.63 8.69 -0.02
CA PRO C 95 -17.86 7.43 -0.02
C PRO C 95 -18.04 6.64 -1.30
N SER C 96 -19.25 6.62 -1.86
CA SER C 96 -19.48 5.87 -3.09
C SER C 96 -18.71 6.46 -4.26
N LEU C 97 -18.68 7.78 -4.39
CA LEU C 97 -17.89 8.39 -5.45
C LEU C 97 -16.42 8.06 -5.30
N VAL C 98 -15.90 8.17 -4.07
CA VAL C 98 -14.48 7.87 -3.86
C VAL C 98 -14.20 6.41 -4.20
N ALA C 99 -15.10 5.50 -3.82
CA ALA C 99 -14.90 4.08 -4.14
C ALA C 99 -14.95 3.82 -5.64
N PHE C 100 -15.86 4.49 -6.35
CA PHE C 100 -15.93 4.34 -7.80
C PHE C 100 -14.62 4.75 -8.45
N ALA C 101 -14.13 5.94 -8.09
CA ALA C 101 -12.87 6.40 -8.68
C ALA C 101 -11.70 5.49 -8.30
N SER C 102 -11.71 4.99 -7.06
CA SER C 102 -10.67 4.05 -6.64
C SER C 102 -10.68 2.78 -7.47
N GLY C 103 -11.88 2.22 -7.69
CA GLY C 103 -11.98 1.05 -8.53
C GLY C 103 -11.50 1.33 -9.95
N LEU C 104 -11.90 2.47 -10.49
CA LEU C 104 -11.50 2.85 -11.85
C LEU C 104 -9.98 2.96 -11.96
N LEU C 105 -9.41 3.92 -11.24
CA LEU C 105 -8.00 4.30 -11.32
C LEU C 105 -7.07 3.22 -10.80
N GLY C 106 -7.60 2.11 -10.29
CA GLY C 106 -6.77 1.03 -9.80
C GLY C 106 -5.87 1.40 -8.64
N ARG C 107 -6.16 2.51 -7.96
CA ARG C 107 -5.40 2.91 -6.79
C ARG C 107 -6.17 2.58 -5.52
N SER C 108 -5.45 2.06 -4.53
CA SER C 108 -6.06 1.69 -3.26
C SER C 108 -6.13 2.89 -2.33
N VAL C 109 -7.19 2.91 -1.51
CA VAL C 109 -7.33 3.94 -0.50
C VAL C 109 -6.25 3.77 0.57
N GLN C 110 -5.81 4.90 1.14
CA GLN C 110 -4.77 4.90 2.16
C GLN C 110 -5.08 3.89 3.27
N SER C 111 -4.02 3.29 3.80
CA SER C 111 -4.17 2.23 4.79
C SER C 111 -4.69 2.80 6.11
N GLN C 112 -5.71 2.14 6.67
CA GLN C 112 -6.29 2.47 7.97
C GLN C 112 -6.97 3.85 7.98
N MET C 113 -7.44 4.31 6.83
CA MET C 113 -8.14 5.60 6.74
C MET C 113 -9.64 5.37 6.68
N VAL C 114 -10.38 6.25 7.36
CA VAL C 114 -11.84 6.28 7.29
C VAL C 114 -12.24 7.56 6.56
N VAL C 115 -13.13 7.41 5.59
CA VAL C 115 -13.66 8.55 4.84
C VAL C 115 -14.96 8.98 5.50
N LEU C 116 -15.06 10.27 5.82
CA LEU C 116 -16.24 10.83 6.45
C LEU C 116 -16.74 12.00 5.62
N GLY C 117 -18.02 12.34 5.82
CA GLY C 117 -18.65 13.41 5.10
C GLY C 117 -19.66 12.90 4.10
N ASP C 118 -20.21 13.84 3.33
CA ASP C 118 -21.18 13.52 2.31
C ASP C 118 -21.10 14.57 1.21
N MET C 119 -21.93 14.39 0.19
CA MET C 119 -21.91 15.25 -0.99
C MET C 119 -23.34 15.60 -1.36
N SER C 120 -23.56 16.87 -1.71
CA SER C 120 -24.91 17.30 -2.09
C SER C 120 -25.18 17.01 -3.56
N LEU C 121 -26.46 17.10 -3.93
CA LEU C 121 -26.85 16.89 -5.32
C LEU C 121 -26.13 17.86 -6.24
N GLY C 122 -25.98 19.10 -5.83
CA GLY C 122 -25.31 20.13 -6.62
C GLY C 122 -23.82 19.91 -6.84
N GLY C 123 -23.24 18.88 -6.23
CA GLY C 123 -21.83 18.59 -6.41
C GLY C 123 -20.90 19.26 -5.42
N SER C 124 -21.43 19.76 -4.31
CA SER C 124 -20.62 20.33 -3.24
C SER C 124 -20.61 19.39 -2.04
N VAL C 125 -19.48 19.39 -1.33
CA VAL C 125 -19.32 18.49 -0.19
C VAL C 125 -19.99 19.11 1.04
N THR C 126 -20.53 18.26 1.90
CA THR C 126 -21.26 18.68 3.08
C THR C 126 -20.58 18.18 4.35
N PRO C 127 -20.63 18.97 5.42
CA PRO C 127 -19.89 18.60 6.64
C PRO C 127 -20.39 17.31 7.26
N VAL C 128 -19.48 16.64 7.98
CA VAL C 128 -19.83 15.44 8.72
C VAL C 128 -20.90 15.77 9.75
N GLU C 129 -21.96 14.97 9.77
CA GLU C 129 -23.02 15.13 10.76
C GLU C 129 -22.59 14.50 12.08
N SER C 130 -22.67 15.28 13.16
CA SER C 130 -22.24 14.83 14.49
C SER C 130 -20.80 14.32 14.45
N ILE C 131 -19.89 15.23 14.10
CA ILE C 131 -18.50 14.84 13.83
C ILE C 131 -17.83 14.29 15.08
N ALA C 132 -18.17 14.81 16.26
CA ALA C 132 -17.54 14.34 17.49
C ALA C 132 -17.86 12.87 17.76
N GLU C 133 -19.14 12.49 17.64
CA GLU C 133 -19.51 11.09 17.86
C GLU C 133 -18.89 10.18 16.82
N CYS C 134 -18.88 10.61 15.55
CA CYS C 134 -18.26 9.81 14.51
C CYS C 134 -16.77 9.59 14.80
N LEU C 135 -16.07 10.63 15.24
CA LEU C 135 -14.64 10.48 15.51
C LEU C 135 -14.41 9.65 16.76
N GLN C 136 -15.34 9.67 17.72
CA GLN C 136 -15.26 8.77 18.85
C GLN C 136 -15.35 7.32 18.40
N VAL C 137 -16.31 7.02 17.51
CA VAL C 137 -16.41 5.67 16.95
C VAL C 137 -15.15 5.30 16.19
N ALA C 138 -14.60 6.24 15.42
CA ALA C 138 -13.38 5.98 14.67
C ALA C 138 -12.21 5.65 15.59
N PHE C 139 -12.10 6.37 16.71
CA PHE C 139 -11.07 6.07 17.68
C PHE C 139 -11.28 4.70 18.30
N ASP C 140 -12.52 4.38 18.66
CA ASP C 140 -12.82 3.09 19.27
C ASP C 140 -12.64 1.92 18.30
N ALA C 141 -12.63 2.18 16.99
CA ALA C 141 -12.44 1.14 16.00
C ALA C 141 -10.99 1.05 15.52
N GLY C 142 -10.07 1.76 16.15
CA GLY C 142 -8.67 1.66 15.79
C GLY C 142 -8.25 2.43 14.56
N ALA C 143 -9.09 3.31 14.05
CA ALA C 143 -8.72 4.10 12.88
C ALA C 143 -7.57 5.04 13.23
N LYS C 144 -6.66 5.22 12.28
CA LYS C 144 -5.51 6.11 12.44
C LYS C 144 -5.58 7.37 11.59
N LYS C 145 -6.26 7.32 10.45
CA LYS C 145 -6.43 8.47 9.59
C LYS C 145 -7.91 8.73 9.35
N VAL C 146 -8.24 10.00 9.15
CA VAL C 146 -9.59 10.40 8.75
C VAL C 146 -9.46 11.42 7.62
N ALA C 147 -10.35 11.31 6.64
CA ALA C 147 -10.48 12.30 5.58
C ALA C 147 -11.79 13.05 5.81
N LEU C 148 -11.71 14.38 5.89
CA LEU C 148 -12.87 15.18 6.23
C LEU C 148 -13.15 16.20 5.15
N PRO C 149 -14.41 16.57 4.93
CA PRO C 149 -14.70 17.69 4.04
C PRO C 149 -14.15 18.97 4.64
N MET C 150 -13.71 19.90 3.78
CA MET C 150 -13.09 21.12 4.27
C MET C 150 -14.02 21.88 5.20
N SER C 151 -15.32 21.91 4.87
CA SER C 151 -16.27 22.64 5.71
C SER C 151 -16.26 22.13 7.15
N SER C 152 -16.08 20.82 7.32
CA SER C 152 -16.06 20.25 8.66
C SER C 152 -14.95 20.81 9.54
N ALA C 153 -13.97 21.51 8.96
CA ALA C 153 -12.98 22.18 9.79
C ALA C 153 -13.63 23.17 10.75
N ALA C 154 -14.72 23.81 10.32
CA ALA C 154 -15.44 24.71 11.22
C ALA C 154 -15.98 23.99 12.45
N ASP C 155 -16.19 22.68 12.36
CA ASP C 155 -16.68 21.90 13.50
C ASP C 155 -15.56 21.30 14.33
N ILE C 156 -14.30 21.49 13.93
CA ILE C 156 -13.18 20.96 14.73
C ILE C 156 -13.23 21.42 16.19
N PRO C 157 -13.52 22.70 16.50
CA PRO C 157 -13.61 23.08 17.91
C PRO C 157 -14.71 22.38 18.69
N THR C 158 -15.70 21.77 18.03
CA THR C 158 -16.70 21.00 18.76
C THR C 158 -16.18 19.66 19.24
N ILE C 159 -15.09 19.17 18.66
CA ILE C 159 -14.53 17.88 19.05
C ILE C 159 -13.55 18.11 20.20
N PRO C 160 -13.66 17.36 21.30
CA PRO C 160 -12.63 17.44 22.33
C PRO C 160 -11.24 17.23 21.72
N VAL C 161 -10.31 18.12 22.10
CA VAL C 161 -8.99 18.11 21.48
C VAL C 161 -8.29 16.78 21.73
N GLU C 162 -8.56 16.17 22.88
CA GLU C 162 -8.03 14.85 23.21
C GLU C 162 -8.41 13.81 22.17
N LEU C 163 -9.64 13.91 21.61
CA LEU C 163 -10.07 12.95 20.60
C LEU C 163 -9.55 13.33 19.22
N PHE C 164 -9.66 14.62 18.86
CA PHE C 164 -9.30 15.05 17.51
C PHE C 164 -7.81 14.84 17.24
N THR C 165 -6.95 15.11 18.21
CA THR C 165 -5.53 14.98 17.96
C THR C 165 -5.05 13.52 17.96
N LYS C 166 -5.96 12.55 18.11
CA LYS C 166 -5.57 11.15 17.98
C LYS C 166 -5.34 10.75 16.54
N PHE C 167 -5.86 11.51 15.59
CA PHE C 167 -5.89 11.13 14.18
C PHE C 167 -4.85 11.90 13.36
N GLN C 168 -4.45 11.28 12.25
CA GLN C 168 -3.81 11.98 11.14
C GLN C 168 -4.90 12.38 10.16
N THR C 169 -5.10 13.69 10.00
CA THR C 169 -6.29 14.23 9.35
C THR C 169 -5.96 14.86 8.01
N SER C 170 -6.78 14.56 7.01
CA SER C 170 -6.73 15.19 5.70
C SER C 170 -8.09 15.82 5.38
N PHE C 171 -8.07 16.82 4.51
CA PHE C 171 -9.27 17.54 4.11
C PHE C 171 -9.37 17.62 2.60
N TYR C 172 -10.60 17.58 2.09
CA TYR C 172 -10.87 17.74 0.67
C TYR C 172 -11.85 18.87 0.42
N ALA C 173 -11.70 19.53 -0.72
CA ALA C 173 -12.48 20.71 -1.06
C ALA C 173 -13.68 20.41 -1.94
N ASP C 174 -13.65 19.30 -2.66
CA ASP C 174 -14.72 18.92 -3.56
C ASP C 174 -14.62 17.42 -3.77
N PRO C 175 -15.63 16.80 -4.40
CA PRO C 175 -15.59 15.33 -4.54
C PRO C 175 -14.35 14.79 -5.24
N VAL C 176 -13.88 15.48 -6.28
CA VAL C 176 -12.65 15.05 -6.96
C VAL C 176 -11.47 15.11 -6.00
N ASP C 177 -11.34 16.24 -5.30
CA ASP C 177 -10.35 16.35 -4.24
C ASP C 177 -10.52 15.25 -3.20
N ALA C 178 -11.77 14.84 -2.93
CA ALA C 178 -11.98 13.75 -1.99
C ALA C 178 -11.37 12.45 -2.50
N VAL C 179 -11.56 12.17 -3.79
CA VAL C 179 -10.92 10.99 -4.38
C VAL C 179 -9.42 11.04 -4.20
N PHE C 180 -8.80 12.16 -4.59
CA PHE C 180 -7.35 12.23 -4.54
C PHE C 180 -6.82 12.24 -3.10
N LYS C 181 -7.56 12.85 -2.17
CA LYS C 181 -7.16 12.81 -0.76
C LYS C 181 -7.26 11.40 -0.21
N GLY C 182 -8.28 10.65 -0.62
CA GLY C 182 -8.41 9.28 -0.17
C GLY C 182 -7.33 8.38 -0.73
N LEU C 183 -6.86 8.66 -1.94
CA LEU C 183 -5.79 7.87 -2.52
C LEU C 183 -4.40 8.26 -2.02
N GLY C 184 -4.23 9.48 -1.55
CA GLY C 184 -2.94 9.91 -1.03
C GLY C 184 -2.16 10.77 -2.01
N SER D 2 1.02 0.21 7.84
CA SER D 2 1.01 1.19 8.93
C SER D 2 1.17 0.51 10.29
N HIS D 3 2.36 0.64 10.88
CA HIS D 3 2.68 -0.05 12.12
C HIS D 3 2.39 0.83 13.34
N MET D 4 2.42 0.20 14.50
CA MET D 4 2.24 0.87 15.78
C MET D 4 3.59 1.06 16.46
N LYS D 5 3.60 1.91 17.49
CA LYS D 5 4.81 2.12 18.27
C LYS D 5 5.23 0.80 18.91
N PRO D 6 6.53 0.50 18.98
CA PRO D 6 6.97 -0.73 19.63
C PRO D 6 6.44 -0.85 21.05
N GLY D 7 6.10 -2.07 21.43
CA GLY D 7 5.41 -2.32 22.68
C GLY D 7 3.90 -2.20 22.61
N PHE D 8 3.34 -1.83 21.45
CA PHE D 8 1.90 -1.74 21.24
C PHE D 8 1.43 -2.96 20.47
N LEU D 9 0.33 -3.57 20.92
CA LEU D 9 -0.24 -4.67 20.16
C LEU D 9 -1.71 -4.84 20.48
N TYR D 10 -2.45 -5.39 19.52
CA TYR D 10 -3.85 -5.72 19.68
C TYR D 10 -4.03 -7.17 20.11
N THR D 11 -4.99 -7.40 21.00
CA THR D 11 -5.35 -8.75 21.39
C THR D 11 -6.86 -8.84 21.46
N ILE D 12 -7.37 -10.06 21.31
CA ILE D 12 -8.79 -10.34 21.40
C ILE D 12 -8.98 -11.58 22.25
N GLY D 13 -9.89 -11.52 23.20
CA GLY D 13 -10.09 -12.66 24.06
C GLY D 13 -11.41 -12.57 24.79
N LEU D 14 -11.79 -13.68 25.41
CA LEU D 14 -13.01 -13.72 26.20
C LEU D 14 -12.88 -12.81 27.42
N SER D 15 -13.89 -11.98 27.64
CA SER D 15 -13.92 -11.14 28.84
C SER D 15 -14.19 -11.99 30.07
N ASN D 16 -14.18 -11.33 31.24
CA ASN D 16 -14.54 -12.01 32.47
C ASN D 16 -16.00 -12.45 32.47
N LYS D 17 -16.83 -11.82 31.63
CA LYS D 17 -18.24 -12.18 31.49
C LYS D 17 -18.48 -13.12 30.31
N GLY D 18 -17.42 -13.67 29.72
CA GLY D 18 -17.57 -14.62 28.64
C GLY D 18 -17.81 -14.03 27.28
N MET D 19 -17.53 -12.74 27.09
CA MET D 19 -17.74 -12.08 25.80
C MET D 19 -16.39 -11.77 25.16
N PRO D 20 -16.20 -12.12 23.90
CA PRO D 20 -14.94 -11.76 23.22
C PRO D 20 -14.84 -10.26 23.00
N GLY D 21 -13.68 -9.71 23.31
CA GLY D 21 -13.44 -8.29 23.17
C GLY D 21 -12.04 -8.01 22.69
N LEU D 22 -11.91 -6.83 22.07
CA LEU D 22 -10.65 -6.33 21.51
C LEU D 22 -10.03 -5.31 22.47
N TYR D 23 -8.76 -5.51 22.78
CA TYR D 23 -8.01 -4.67 23.71
C TYR D 23 -6.65 -4.33 23.12
N ARG D 24 -6.08 -3.21 23.55
CA ARG D 24 -4.75 -2.82 23.12
C ARG D 24 -3.79 -2.73 24.29
N LEU D 25 -2.68 -3.46 24.21
CA LEU D 25 -1.59 -3.36 25.17
C LEU D 25 -0.60 -2.32 24.70
N GLU D 26 -0.23 -1.40 25.60
CA GLU D 26 0.70 -0.31 25.33
C GLU D 26 1.82 -0.36 26.38
N LEU D 27 2.97 -0.93 26.00
CA LEU D 27 4.11 -1.02 26.91
C LEU D 27 5.13 0.06 26.61
N GLN D 28 5.50 0.83 27.63
CA GLN D 28 6.59 1.80 27.55
C GLN D 28 7.82 1.24 28.26
N VAL D 29 8.98 1.40 27.63
CA VAL D 29 10.25 0.91 28.15
C VAL D 29 11.15 2.08 28.49
N THR D 30 11.81 1.99 29.65
CA THR D 30 12.76 3.01 30.07
C THR D 30 14.03 2.36 30.63
N GLY D 34 14.71 -3.26 36.40
CA GLY D 34 13.72 -4.26 36.11
C GLY D 34 12.42 -4.08 36.86
N LYS D 35 11.82 -2.89 36.74
CA LYS D 35 10.61 -2.55 37.48
C LYS D 35 9.38 -2.78 36.61
N LEU D 36 8.37 -3.43 37.18
CA LEU D 36 7.10 -3.66 36.50
C LEU D 36 6.03 -2.79 37.14
N ALA D 37 5.50 -1.85 36.37
CA ALA D 37 4.35 -1.06 36.78
C ALA D 37 3.20 -1.32 35.81
N THR D 38 1.98 -1.16 36.31
CA THR D 38 0.80 -1.51 35.52
C THR D 38 -0.26 -0.42 35.66
N SER D 39 -1.11 -0.32 34.65
CA SER D 39 -2.20 0.63 34.63
C SER D 39 -3.25 0.16 33.63
N GLY D 40 -4.50 0.55 33.87
CA GLY D 40 -5.59 0.13 33.03
C GLY D 40 -6.04 -1.30 33.24
N LEU D 41 -5.53 -1.97 34.28
CA LEU D 41 -5.87 -3.35 34.58
C LEU D 41 -7.09 -3.47 35.48
N TRP D 42 -7.97 -2.47 35.46
CA TRP D 42 -9.25 -2.49 36.18
C TRP D 42 -8.92 -2.66 37.67
N ASN D 43 -9.50 -3.64 38.35
CA ASN D 43 -9.22 -3.84 39.77
C ASN D 43 -9.14 -5.33 40.10
N SER D 44 -8.64 -6.12 39.16
CA SER D 44 -8.62 -7.58 39.29
C SER D 44 -7.22 -8.04 39.66
N SER D 45 -7.11 -8.74 40.79
CA SER D 45 -5.84 -9.35 41.17
C SER D 45 -5.44 -10.43 40.18
N SER D 46 -6.41 -11.03 39.49
CA SER D 46 -6.11 -12.07 38.52
C SER D 46 -5.29 -11.53 37.35
N ALA D 47 -5.69 -10.37 36.82
CA ALA D 47 -4.94 -9.78 35.71
C ALA D 47 -3.52 -9.41 36.12
N LYS D 48 -3.36 -8.87 37.33
CA LYS D 48 -2.02 -8.53 37.82
C LYS D 48 -1.14 -9.77 37.89
N GLU D 49 -1.69 -10.89 38.35
CA GLU D 49 -0.91 -12.12 38.42
C GLU D 49 -0.51 -12.61 37.03
N GLN D 50 -1.39 -12.43 36.04
CA GLN D 50 -1.05 -12.82 34.68
C GLN D 50 0.10 -11.97 34.14
N VAL D 51 -0.02 -10.64 34.28
CA VAL D 51 1.07 -9.76 33.83
C VAL D 51 2.35 -10.06 34.58
N LYS D 52 2.25 -10.45 35.85
CA LYS D 52 3.45 -10.79 36.61
C LYS D 52 4.09 -12.06 36.10
N ILE D 53 3.29 -13.08 35.80
CA ILE D 53 3.82 -14.31 35.20
C ILE D 53 4.50 -14.00 33.88
N ALA D 54 3.88 -13.13 33.07
CA ALA D 54 4.49 -12.72 31.80
C ALA D 54 5.83 -12.05 32.02
N PHE D 55 5.88 -11.10 32.97
CA PHE D 55 7.11 -10.38 33.25
C PHE D 55 8.19 -11.32 33.79
N ASP D 56 7.79 -12.30 34.60
CA ASP D 56 8.74 -13.26 35.13
C ASP D 56 9.32 -14.12 34.01
N TYR D 57 8.47 -14.66 33.12
CA TYR D 57 8.98 -15.38 31.96
C TYR D 57 9.90 -14.49 31.12
N PHE D 58 9.52 -13.23 30.94
CA PHE D 58 10.35 -12.26 30.22
C PHE D 58 11.74 -12.17 30.82
N LYS D 59 11.81 -11.90 32.12
CA LYS D 59 13.11 -11.80 32.79
C LYS D 59 13.89 -13.11 32.71
N ALA D 60 13.20 -14.24 32.85
CA ALA D 60 13.89 -15.53 32.92
C ALA D 60 14.40 -15.99 31.57
N ASN D 61 13.79 -15.53 30.47
CA ASN D 61 14.18 -15.99 29.14
C ASN D 61 14.63 -14.84 28.24
N ALA D 62 14.93 -13.67 28.81
CA ALA D 62 15.34 -12.53 27.99
C ALA D 62 16.65 -12.77 27.25
N SER D 63 17.50 -13.68 27.74
CA SER D 63 18.70 -14.02 26.98
C SER D 63 18.33 -14.68 25.66
N ARG D 64 17.35 -15.58 25.69
CA ARG D 64 16.83 -16.21 24.48
C ARG D 64 16.02 -15.24 23.62
N ILE D 65 15.77 -14.02 24.10
CA ILE D 65 14.92 -13.06 23.40
C ILE D 65 15.75 -11.96 22.74
N SER D 66 16.66 -11.35 23.49
CA SER D 66 17.49 -10.26 22.96
C SER D 66 18.97 -10.55 23.15
N LYS D 70 20.01 -5.43 29.02
CA LYS D 70 18.89 -6.34 28.93
C LYS D 70 17.77 -5.96 29.87
N VAL D 71 16.93 -6.94 30.23
CA VAL D 71 15.73 -6.66 31.02
C VAL D 71 16.11 -6.10 32.38
N MET D 72 17.24 -6.55 32.94
CA MET D 72 17.58 -6.21 34.31
C MET D 72 17.67 -4.70 34.51
N GLU D 73 18.28 -3.99 33.56
CA GLU D 73 18.57 -2.57 33.67
C GLU D 73 17.43 -1.67 33.18
N HIS D 74 16.35 -2.23 32.65
CA HIS D 74 15.30 -1.43 32.05
C HIS D 74 14.02 -1.51 32.86
N ASP D 75 13.17 -0.50 32.68
CA ASP D 75 11.87 -0.42 33.34
C ASP D 75 10.74 -0.52 32.32
N PHE D 76 9.64 -1.15 32.72
CA PHE D 76 8.53 -1.46 31.84
C PHE D 76 7.22 -1.02 32.48
N HIS D 77 6.35 -0.35 31.72
CA HIS D 77 5.02 0.00 32.17
C HIS D 77 3.99 -0.44 31.13
N LEU D 78 3.12 -1.39 31.50
CA LEU D 78 2.10 -1.95 30.62
C LEU D 78 0.74 -1.32 30.91
N HIS D 79 0.26 -0.48 30.00
CA HIS D 79 -1.11 0.01 30.05
C HIS D 79 -2.00 -0.87 29.18
N VAL D 80 -3.25 -1.03 29.60
CA VAL D 80 -4.23 -1.85 28.88
C VAL D 80 -5.45 -1.00 28.55
N VAL D 81 -5.77 -0.90 27.27
CA VAL D 81 -6.90 -0.10 26.78
C VAL D 81 -8.03 -1.06 26.40
N GLU D 82 -9.21 -0.85 27.00
CA GLU D 82 -10.41 -1.63 26.72
C GLU D 82 -11.21 -0.91 25.63
N LEU D 83 -11.21 -1.49 24.43
CA LEU D 83 -11.71 -0.78 23.26
C LEU D 83 -13.19 -1.01 22.97
N GLN D 84 -13.83 -2.01 23.57
CA GLN D 84 -15.19 -2.37 23.17
C GLN D 84 -16.16 -2.53 24.33
N ASN D 85 -15.79 -2.08 25.54
CA ASN D 85 -16.65 -2.12 26.71
C ASN D 85 -17.17 -3.55 26.97
N THR D 86 -16.24 -4.50 27.01
CA THR D 86 -16.57 -5.89 27.30
C THR D 86 -16.13 -6.34 28.68
N GLY D 87 -15.35 -5.52 29.39
CA GLY D 87 -14.87 -5.87 30.70
C GLY D 87 -13.43 -6.35 30.68
N PRO D 88 -12.94 -6.81 31.83
CA PRO D 88 -11.54 -7.27 31.90
C PRO D 88 -11.30 -8.50 31.03
N LEU D 89 -10.12 -8.52 30.41
CA LEU D 89 -9.70 -9.68 29.62
C LEU D 89 -9.08 -10.73 30.55
N SER D 90 -9.53 -11.97 30.38
CA SER D 90 -9.07 -13.09 31.20
C SER D 90 -7.84 -13.77 30.63
N HIS D 91 -7.27 -13.27 29.54
CA HIS D 91 -6.12 -13.88 28.87
C HIS D 91 -5.08 -12.80 28.57
N LEU D 92 -4.20 -12.54 29.53
CA LEU D 92 -3.26 -11.44 29.44
C LEU D 92 -1.79 -11.82 29.46
N ALA D 93 -1.44 -13.02 29.92
CA ALA D 93 -0.04 -13.38 30.10
C ALA D 93 0.73 -13.32 28.78
N LEU D 94 0.26 -14.05 27.77
CA LEU D 94 1.00 -14.12 26.51
C LEU D 94 1.00 -12.80 25.75
N PRO D 95 -0.13 -12.09 25.59
CA PRO D 95 -0.04 -10.77 24.97
C PRO D 95 0.91 -9.85 25.70
N SER D 96 0.94 -9.92 27.04
CA SER D 96 1.85 -9.08 27.81
C SER D 96 3.29 -9.44 27.54
N LEU D 97 3.62 -10.74 27.45
CA LEU D 97 4.99 -11.12 27.11
C LEU D 97 5.38 -10.58 25.74
N VAL D 98 4.48 -10.72 24.76
CA VAL D 98 4.78 -10.22 23.42
C VAL D 98 5.02 -8.72 23.45
N ALA D 99 4.19 -7.99 24.19
CA ALA D 99 4.37 -6.54 24.29
C ALA D 99 5.66 -6.19 25.02
N PHE D 100 6.01 -6.94 26.06
CA PHE D 100 7.26 -6.72 26.79
C PHE D 100 8.45 -6.83 25.86
N ALA D 101 8.52 -7.94 25.12
CA ALA D 101 9.64 -8.15 24.22
C ALA D 101 9.64 -7.12 23.09
N SER D 102 8.45 -6.73 22.61
CA SER D 102 8.39 -5.68 21.59
C SER D 102 8.95 -4.37 22.12
N GLY D 103 8.58 -4.00 23.35
CA GLY D 103 9.13 -2.80 23.95
C GLY D 103 10.64 -2.85 24.09
N LEU D 104 11.15 -3.98 24.57
CA LEU D 104 12.61 -4.13 24.73
C LEU D 104 13.31 -4.02 23.38
N LEU D 105 13.01 -4.94 22.45
CA LEU D 105 13.71 -5.04 21.17
C LEU D 105 13.45 -3.86 20.24
N GLY D 106 12.56 -2.94 20.61
CA GLY D 106 12.27 -1.80 19.75
C GLY D 106 11.69 -2.15 18.39
N ARG D 107 11.16 -3.36 18.23
CA ARG D 107 10.52 -3.78 16.98
C ARG D 107 9.01 -3.72 17.12
N SER D 108 8.34 -3.23 16.09
CA SER D 108 6.89 -3.13 16.10
C SER D 108 6.23 -4.43 15.66
N VAL D 109 5.08 -4.73 16.27
CA VAL D 109 4.29 -5.88 15.84
C VAL D 109 3.70 -5.61 14.46
N GLN D 110 3.50 -6.69 13.71
CA GLN D 110 2.96 -6.60 12.35
C GLN D 110 1.70 -5.74 12.32
N SER D 111 1.53 -5.01 11.22
CA SER D 111 0.43 -4.08 11.09
C SER D 111 -0.90 -4.82 10.95
N GLN D 112 -1.90 -4.37 11.72
CA GLN D 112 -3.27 -4.89 11.68
C GLN D 112 -3.37 -6.34 12.15
N MET D 113 -2.44 -6.78 13.00
CA MET D 113 -2.46 -8.12 13.54
C MET D 113 -3.02 -8.12 14.94
N VAL D 114 -3.79 -9.15 15.26
CA VAL D 114 -4.31 -9.39 16.60
C VAL D 114 -3.64 -10.64 17.15
N VAL D 115 -3.14 -10.54 18.37
CA VAL D 115 -2.53 -11.68 19.05
C VAL D 115 -3.58 -12.34 19.92
N LEU D 116 -3.73 -13.66 19.77
CA LEU D 116 -4.70 -14.43 20.53
C LEU D 116 -3.99 -15.58 21.23
N GLY D 117 -4.62 -16.08 22.28
CA GLY D 117 -4.09 -17.17 23.06
C GLY D 117 -3.59 -16.72 24.43
N ASP D 118 -3.04 -17.68 25.16
CA ASP D 118 -2.48 -17.43 26.47
C ASP D 118 -1.38 -18.45 26.73
N MET D 119 -0.73 -18.33 27.89
CA MET D 119 0.38 -19.21 28.25
C MET D 119 0.22 -19.62 29.70
N SER D 120 0.54 -20.89 29.98
CA SER D 120 0.43 -21.42 31.32
C SER D 120 1.69 -21.09 32.14
N LEU D 121 1.57 -21.30 33.46
CA LEU D 121 2.70 -21.08 34.36
C LEU D 121 3.92 -21.90 33.95
N GLY D 122 3.70 -23.13 33.50
CA GLY D 122 4.80 -24.00 33.09
C GLY D 122 5.57 -23.52 31.87
N GLY D 123 5.14 -22.44 31.24
CA GLY D 123 5.84 -21.88 30.09
C GLY D 123 5.44 -22.41 28.74
N SER D 124 4.30 -23.08 28.64
CA SER D 124 3.75 -23.53 27.38
C SER D 124 2.50 -22.71 27.05
N VAL D 125 2.27 -22.51 25.76
CA VAL D 125 1.15 -21.70 25.30
C VAL D 125 -0.12 -22.54 25.33
N THR D 126 -1.25 -21.87 25.56
CA THR D 126 -2.55 -22.51 25.68
C THR D 126 -3.49 -22.04 24.59
N PRO D 127 -4.37 -22.92 24.10
CA PRO D 127 -5.22 -22.56 22.95
C PRO D 127 -6.18 -21.42 23.25
N VAL D 128 -6.55 -20.70 22.19
CA VAL D 128 -7.55 -19.65 22.29
C VAL D 128 -8.86 -20.23 22.81
N GLU D 129 -9.42 -19.59 23.83
CA GLU D 129 -10.73 -20.00 24.34
C GLU D 129 -11.85 -19.42 23.47
N SER D 130 -12.74 -20.29 23.02
CA SER D 130 -13.84 -19.91 22.12
C SER D 130 -13.28 -19.21 20.89
N ILE D 131 -12.45 -19.93 20.14
CA ILE D 131 -11.69 -19.33 19.04
C ILE D 131 -12.61 -18.83 17.93
N ALA D 132 -13.73 -19.52 17.70
CA ALA D 132 -14.64 -19.10 16.63
C ALA D 132 -15.25 -17.72 16.94
N GLU D 133 -15.72 -17.53 18.16
CA GLU D 133 -16.31 -16.24 18.55
C GLU D 133 -15.26 -15.14 18.52
N CYS D 134 -14.05 -15.42 19.02
CA CYS D 134 -12.97 -14.45 18.97
C CYS D 134 -12.65 -14.04 17.54
N LEU D 135 -12.59 -15.02 16.62
CA LEU D 135 -12.27 -14.67 15.24
C LEU D 135 -13.41 -13.94 14.56
N GLN D 136 -14.66 -14.21 14.97
CA GLN D 136 -15.78 -13.41 14.49
C GLN D 136 -15.62 -11.95 14.90
N VAL D 137 -15.28 -11.71 16.17
CA VAL D 137 -15.02 -10.36 16.64
C VAL D 137 -13.85 -9.73 15.89
N ALA D 138 -12.81 -10.52 15.63
CA ALA D 138 -11.66 -10.02 14.89
C ALA D 138 -12.04 -9.59 13.48
N PHE D 139 -12.90 -10.38 12.83
CA PHE D 139 -13.38 -10.01 11.50
C PHE D 139 -14.21 -8.73 11.55
N ASP D 140 -15.09 -8.62 12.55
CA ASP D 140 -15.94 -7.43 12.65
C ASP D 140 -15.15 -6.17 13.01
N ALA D 141 -13.94 -6.30 13.55
CA ALA D 141 -13.10 -5.16 13.89
C ALA D 141 -12.09 -4.81 12.81
N GLY D 142 -12.18 -5.44 11.64
CA GLY D 142 -11.29 -5.11 10.55
C GLY D 142 -9.91 -5.71 10.63
N ALA D 143 -9.69 -6.67 11.52
CA ALA D 143 -8.39 -7.32 11.60
C ALA D 143 -8.09 -8.10 10.33
N LYS D 144 -6.82 -8.07 9.91
CA LYS D 144 -6.38 -8.78 8.73
C LYS D 144 -5.45 -9.96 9.04
N LYS D 145 -4.71 -9.89 10.14
CA LYS D 145 -3.84 -10.96 10.55
C LYS D 145 -4.19 -11.41 11.96
N VAL D 146 -3.97 -12.69 12.24
CA VAL D 146 -4.12 -13.24 13.57
C VAL D 146 -2.91 -14.12 13.86
N ALA D 147 -2.42 -14.07 15.08
CA ALA D 147 -1.39 -14.96 15.58
C ALA D 147 -2.04 -15.92 16.58
N LEU D 148 -1.86 -17.22 16.35
CA LEU D 148 -2.53 -18.22 17.16
C LEU D 148 -1.51 -19.17 17.78
N PRO D 149 -1.79 -19.69 18.97
CA PRO D 149 -0.94 -20.76 19.50
C PRO D 149 -1.06 -22.00 18.63
N MET D 150 0.04 -22.74 18.53
CA MET D 150 0.07 -23.90 17.64
C MET D 150 -1.04 -24.89 17.99
N SER D 151 -1.27 -25.12 19.28
CA SER D 151 -2.31 -26.07 19.69
C SER D 151 -3.67 -25.69 19.13
N SER D 152 -3.96 -24.39 19.04
CA SER D 152 -5.24 -23.94 18.52
C SER D 152 -5.51 -24.42 17.10
N ALA D 153 -4.49 -24.91 16.38
CA ALA D 153 -4.74 -25.49 15.07
C ALA D 153 -5.75 -26.64 15.15
N ALA D 154 -5.72 -27.40 16.25
CA ALA D 154 -6.69 -28.47 16.43
C ALA D 154 -8.13 -27.96 16.46
N ASP D 155 -8.33 -26.70 16.83
CA ASP D 155 -9.66 -26.12 16.86
C ASP D 155 -10.03 -25.41 15.56
N ILE D 156 -9.13 -25.39 14.57
CA ILE D 156 -9.46 -24.76 13.29
C ILE D 156 -10.72 -25.33 12.67
N PRO D 157 -10.95 -26.66 12.65
CA PRO D 157 -12.22 -27.16 12.08
C PRO D 157 -13.48 -26.70 12.82
N THR D 158 -13.37 -26.18 14.05
CA THR D 158 -14.54 -25.64 14.72
C THR D 158 -14.96 -24.29 14.17
N ILE D 159 -14.06 -23.61 13.47
CA ILE D 159 -14.34 -22.29 12.92
C ILE D 159 -14.95 -22.46 11.53
N PRO D 160 -16.08 -21.82 11.24
CA PRO D 160 -16.59 -21.84 9.86
C PRO D 160 -15.50 -21.39 8.89
N VAL D 161 -15.35 -22.14 7.80
CA VAL D 161 -14.23 -21.91 6.89
C VAL D 161 -14.33 -20.54 6.24
N GLU D 162 -15.55 -20.06 5.99
CA GLU D 162 -15.73 -18.71 5.44
C GLU D 162 -15.10 -17.65 6.35
N LEU D 163 -15.20 -17.86 7.66
CA LEU D 163 -14.64 -16.90 8.61
C LEU D 163 -13.14 -17.08 8.76
N PHE D 164 -12.68 -18.33 8.91
CA PHE D 164 -11.26 -18.57 9.13
C PHE D 164 -10.41 -18.13 7.95
N THR D 165 -10.89 -18.35 6.73
CA THR D 165 -10.10 -17.98 5.56
C THR D 165 -10.12 -16.48 5.28
N LYS D 166 -10.77 -15.68 6.11
CA LYS D 166 -10.70 -14.23 5.96
C LYS D 166 -9.36 -13.67 6.40
N PHE D 167 -8.60 -14.42 7.19
CA PHE D 167 -7.40 -13.90 7.84
C PHE D 167 -6.14 -14.45 7.19
N GLN D 168 -5.06 -13.68 7.35
CA GLN D 168 -3.71 -14.18 7.16
C GLN D 168 -3.20 -14.65 8.52
N THR D 169 -2.96 -15.95 8.66
CA THR D 169 -2.80 -16.58 9.96
C THR D 169 -1.36 -17.03 10.18
N SER D 170 -0.84 -16.74 11.37
CA SER D 170 0.45 -17.22 11.83
C SER D 170 0.30 -18.01 13.11
N PHE D 171 1.26 -18.90 13.37
CA PHE D 171 1.24 -19.77 14.55
C PHE D 171 2.58 -19.71 15.27
N TYR D 172 2.52 -19.82 16.60
CA TYR D 172 3.71 -19.90 17.43
C TYR D 172 3.65 -21.14 18.31
N ALA D 173 4.83 -21.70 18.60
CA ALA D 173 4.95 -22.95 19.35
C ALA D 173 5.21 -22.73 20.83
N ASP D 174 5.72 -21.56 21.20
CA ASP D 174 6.03 -21.25 22.59
C ASP D 174 6.03 -19.72 22.72
N PRO D 175 6.05 -19.20 23.95
CA PRO D 175 5.95 -17.73 24.11
C PRO D 175 7.04 -16.96 23.37
N VAL D 176 8.27 -17.47 23.35
CA VAL D 176 9.34 -16.80 22.61
C VAL D 176 9.01 -16.78 21.11
N ASP D 177 8.59 -17.93 20.58
CA ASP D 177 8.09 -17.98 19.22
C ASP D 177 6.93 -17.03 19.02
N ALA D 178 6.10 -16.83 20.05
CA ALA D 178 5.00 -15.87 19.94
C ALA D 178 5.52 -14.46 19.73
N VAL D 179 6.56 -14.09 20.47
CA VAL D 179 7.19 -12.79 20.28
C VAL D 179 7.68 -12.65 18.83
N PHE D 180 8.42 -13.64 18.36
CA PHE D 180 9.01 -13.52 17.03
C PHE D 180 7.95 -13.54 15.94
N LYS D 181 6.88 -14.33 16.13
CA LYS D 181 5.78 -14.35 15.16
C LYS D 181 5.04 -13.03 15.14
N GLY D 182 4.86 -12.40 16.30
CA GLY D 182 4.20 -11.11 16.35
C GLY D 182 5.03 -10.01 15.72
N LEU D 183 6.35 -10.12 15.80
CA LEU D 183 7.21 -9.11 15.17
C LEU D 183 7.39 -9.33 13.68
N GLY D 184 7.23 -10.56 13.18
CA GLY D 184 7.35 -10.81 11.77
C GLY D 184 8.69 -11.42 11.38
C1 MLA E . 11.89 -23.92 -24.24
O1A MLA E . 11.79 -22.96 -25.06
O1B MLA E . 12.78 -23.92 -23.35
C2 MLA E . 10.92 -25.10 -24.34
C3 MLA E . 9.47 -24.62 -24.20
O3A MLA E . 8.53 -25.44 -24.34
O3B MLA E . 9.23 -23.41 -23.93
C1 MLA F . -1.13 28.08 -11.34
O1A MLA F . -0.85 27.97 -10.10
O1B MLA F . -1.78 27.16 -11.91
C2 MLA F . -0.67 29.31 -12.10
C3 MLA F . -0.04 28.93 -13.45
O3A MLA F . 0.16 27.73 -13.76
O3B MLA F . 0.27 29.86 -14.27
C1 SIN G . -7.62 -2.71 13.39
O1 SIN G . -6.71 -3.45 12.94
O2 SIN G . -8.33 -3.13 14.33
C2 SIN G . -7.85 -1.34 12.80
C3 SIN G . -8.17 -1.49 11.33
C4 SIN G . -9.19 -0.43 10.96
O3 SIN G . -10.40 -0.63 11.19
O4 SIN G . -8.83 0.63 10.42
#